data_3LXZ
#
_entry.id   3LXZ
#
_cell.length_a   48.047
_cell.length_b   66.358
_cell.length_c   88.659
_cell.angle_alpha   89.960
_cell.angle_beta   85.270
_cell.angle_gamma   87.040
#
_symmetry.space_group_name_H-M   'P 1'
#
loop_
_entity.id
_entity.type
_entity.pdbx_description
1 polymer 'Glutathione S-transferase family protein'
2 water water
#
_entity_poly.entity_id   1
_entity_poly.type   'polypeptide(L)'
_entity_poly.pdbx_seq_one_letter_code
;(MSE)SLKLYGFSVSNYYN(MSE)VKLALLEKGLTFEEVTFYGGQAPQALEVSPRGKVPVLETEHGFLSETSVILDYIEQ
TQGGKALLPADPFGQAKVRELLKEIELYIELPARTCYAESFFG(MSE)SVEPLIKEKARADLLAGFATLKRNGRFAPYVA
GEQLTLADL(MSE)FCFSVDLANAVGKKVLNIDFLADFPQAKALLQL(MSE)GENPH(MSE)PRILADKEAS(MSE)PAF
(MSE)E(MSE)IRSGKREGHHHHHH
;
_entity_poly.pdbx_strand_id   A,B,C,D
#
# COMPACT_ATOMS: atom_id res chain seq x y z
N SER A 2 31.45 -28.53 -16.38
CA SER A 2 31.66 -29.92 -16.92
C SER A 2 30.73 -31.01 -16.34
N LEU A 3 30.05 -30.71 -15.22
CA LEU A 3 28.91 -31.51 -14.75
C LEU A 3 27.67 -31.28 -15.60
N LYS A 4 26.95 -32.36 -15.90
CA LYS A 4 25.71 -32.25 -16.63
C LYS A 4 24.62 -32.88 -15.77
N LEU A 5 23.48 -32.22 -15.67
CA LEU A 5 22.35 -32.77 -14.92
C LEU A 5 21.24 -33.18 -15.89
N TYR A 6 20.99 -34.48 -15.99
CA TYR A 6 19.94 -34.99 -16.84
C TYR A 6 18.64 -35.02 -16.06
N GLY A 7 17.61 -34.38 -16.58
CA GLY A 7 16.27 -34.51 -15.99
C GLY A 7 15.32 -33.53 -16.65
N PHE A 8 14.33 -33.09 -15.91
CA PHE A 8 13.41 -32.12 -16.44
C PHE A 8 12.91 -31.27 -15.30
N SER A 9 12.63 -30.00 -15.58
CA SER A 9 12.34 -29.04 -14.53
C SER A 9 11.00 -29.22 -13.85
N VAL A 10 10.19 -30.16 -14.32
CA VAL A 10 8.94 -30.44 -13.60
C VAL A 10 9.26 -31.47 -12.48
N SER A 11 10.41 -32.17 -12.58
CA SER A 11 10.75 -33.22 -11.59
C SER A 11 11.22 -32.62 -10.27
N ASN A 12 10.52 -32.94 -9.18
CA ASN A 12 10.95 -32.49 -7.86
C ASN A 12 12.36 -32.97 -7.46
N TYR A 13 12.67 -34.24 -7.73
CA TYR A 13 14.00 -34.78 -7.41
C TYR A 13 15.09 -34.07 -8.25
N TYR A 14 14.77 -33.70 -9.49
CA TYR A 14 15.71 -32.94 -10.33
C TYR A 14 15.92 -31.56 -9.69
N ASN A 15 14.82 -30.92 -9.27
CA ASN A 15 14.90 -29.57 -8.71
C ASN A 15 15.75 -29.50 -7.43
N MSE A 16 15.72 -30.57 -6.65
CA MSE A 16 16.57 -30.70 -5.46
C MSE A 16 18.04 -30.64 -5.80
O MSE A 16 18.78 -29.88 -5.18
CB MSE A 16 16.22 -32.00 -4.71
CG MSE A 16 14.81 -32.08 -4.07
SE MSE A 16 14.63 -33.97 -3.53
CE MSE A 16 12.67 -34.23 -3.69
N VAL A 17 18.49 -31.41 -6.81
CA VAL A 17 19.88 -31.31 -7.22
C VAL A 17 20.19 -29.93 -7.80
N LYS A 18 19.30 -29.44 -8.64
CA LYS A 18 19.47 -28.12 -9.27
C LYS A 18 19.66 -27.02 -8.23
N LEU A 19 18.82 -27.02 -7.19
CA LEU A 19 19.00 -26.02 -6.11
C LEU A 19 20.35 -26.16 -5.43
N ALA A 20 20.81 -27.40 -5.19
CA ALA A 20 22.09 -27.62 -4.50
C ALA A 20 23.21 -27.01 -5.34
N LEU A 21 23.18 -27.27 -6.65
CA LEU A 21 24.21 -26.77 -7.57
C LEU A 21 24.18 -25.24 -7.59
N LEU A 22 22.98 -24.66 -7.64
CA LEU A 22 22.83 -23.18 -7.67
C LEU A 22 23.28 -22.54 -6.34
N GLU A 23 22.94 -23.20 -5.22
CA GLU A 23 23.25 -22.68 -3.90
C GLU A 23 24.76 -22.67 -3.73
N LYS A 24 25.40 -23.69 -4.30
CA LYS A 24 26.84 -23.84 -4.24
C LYS A 24 27.62 -23.03 -5.30
N GLY A 25 26.90 -22.32 -6.18
CA GLY A 25 27.49 -21.48 -7.26
C GLY A 25 28.28 -22.31 -8.24
N LEU A 26 27.87 -23.57 -8.44
CA LEU A 26 28.56 -24.49 -9.37
C LEU A 26 28.08 -24.38 -10.80
N THR A 27 29.01 -24.55 -11.74
CA THR A 27 28.65 -24.59 -13.16
C THR A 27 28.07 -25.95 -13.50
N PHE A 28 26.97 -25.96 -14.25
CA PHE A 28 26.37 -27.20 -14.74
C PHE A 28 25.55 -26.98 -16.00
N GLU A 29 25.42 -28.03 -16.78
CA GLU A 29 24.63 -27.98 -18.00
C GLU A 29 23.39 -28.85 -17.80
N GLU A 30 22.23 -28.33 -18.19
CA GLU A 30 20.98 -29.06 -18.08
C GLU A 30 20.71 -29.81 -19.36
N VAL A 31 20.36 -31.09 -19.24
CA VAL A 31 19.99 -31.95 -20.38
C VAL A 31 18.60 -32.48 -20.17
N THR A 32 17.67 -32.19 -21.08
CA THR A 32 16.28 -32.68 -20.99
C THR A 32 16.28 -34.21 -21.17
N PHE A 33 15.66 -34.90 -20.20
CA PHE A 33 15.73 -36.36 -20.07
C PHE A 33 14.59 -36.73 -19.11
N TYR A 34 13.68 -37.59 -19.55
CA TYR A 34 12.51 -37.92 -18.75
C TYR A 34 12.60 -39.33 -18.13
N GLY A 35 13.70 -40.01 -18.36
CA GLY A 35 13.92 -41.36 -17.83
C GLY A 35 12.88 -42.30 -18.38
N GLY A 36 12.28 -43.11 -17.51
CA GLY A 36 11.32 -44.12 -17.97
C GLY A 36 12.03 -45.40 -18.43
N GLN A 37 11.24 -46.31 -18.97
CA GLN A 37 11.67 -47.69 -19.19
C GLN A 37 12.16 -48.03 -20.62
N ALA A 38 12.28 -47.03 -21.49
CA ALA A 38 12.85 -47.30 -22.82
C ALA A 38 14.29 -47.80 -22.65
N PRO A 39 14.72 -48.74 -23.52
CA PRO A 39 16.06 -49.31 -23.39
C PRO A 39 17.16 -48.27 -23.43
N GLN A 40 17.02 -47.23 -24.25
CA GLN A 40 18.04 -46.19 -24.27
C GLN A 40 18.11 -45.40 -22.96
N ALA A 41 16.94 -45.19 -22.33
CA ALA A 41 16.82 -44.42 -21.09
C ALA A 41 17.42 -45.22 -19.94
N LEU A 42 17.22 -46.55 -19.96
CA LEU A 42 17.76 -47.44 -18.91
C LEU A 42 19.28 -47.51 -18.94
N GLU A 43 19.86 -47.22 -20.11
CA GLU A 43 21.31 -47.14 -20.19
C GLU A 43 21.90 -45.92 -19.47
N VAL A 44 21.09 -44.88 -19.30
CA VAL A 44 21.53 -43.71 -18.55
C VAL A 44 21.19 -43.84 -17.07
N SER A 45 19.95 -44.24 -16.80
CA SER A 45 19.44 -44.33 -15.45
C SER A 45 18.86 -45.72 -15.22
N PRO A 46 19.50 -46.54 -14.35
CA PRO A 46 19.22 -47.98 -14.44
C PRO A 46 17.86 -48.46 -13.97
N ARG A 47 17.14 -47.65 -13.20
CA ARG A 47 15.75 -47.93 -12.86
C ARG A 47 14.78 -46.96 -13.56
N GLY A 48 15.34 -46.05 -14.36
CA GLY A 48 14.51 -45.15 -15.16
C GLY A 48 14.13 -43.89 -14.39
N LYS A 49 14.81 -43.66 -13.27
CA LYS A 49 14.50 -42.51 -12.42
C LYS A 49 15.23 -41.27 -12.89
N VAL A 50 14.71 -40.13 -12.48
CA VAL A 50 15.34 -38.85 -12.72
C VAL A 50 15.63 -38.27 -11.35
N PRO A 51 16.77 -37.52 -11.19
CA PRO A 51 17.76 -37.11 -12.18
C PRO A 51 18.96 -38.01 -12.29
N VAL A 52 19.85 -37.71 -13.25
CA VAL A 52 21.14 -38.39 -13.36
C VAL A 52 22.24 -37.32 -13.48
N LEU A 53 23.31 -37.45 -12.72
CA LEU A 53 24.47 -36.55 -12.84
C LEU A 53 25.52 -37.20 -13.73
N GLU A 54 25.97 -36.49 -14.76
CA GLU A 54 27.05 -37.01 -15.57
C GLU A 54 28.36 -36.39 -15.15
N THR A 55 29.32 -37.23 -14.77
CA THR A 55 30.62 -36.76 -14.32
C THR A 55 31.68 -37.30 -15.30
N GLU A 56 32.92 -36.82 -15.17
CA GLU A 56 34.05 -37.42 -15.88
C GLU A 56 34.19 -38.93 -15.69
N HIS A 57 33.71 -39.45 -14.57
CA HIS A 57 33.79 -40.90 -14.29
C HIS A 57 32.58 -41.71 -14.76
N GLY A 58 31.54 -41.04 -15.28
CA GLY A 58 30.28 -41.70 -15.68
C GLY A 58 29.05 -41.18 -14.95
N PHE A 59 27.93 -41.86 -15.10
CA PHE A 59 26.64 -41.42 -14.59
C PHE A 59 26.39 -41.87 -13.15
N LEU A 60 25.80 -40.98 -12.34
CA LEU A 60 25.24 -41.35 -11.02
C LEU A 60 23.78 -41.00 -11.01
N SER A 61 22.91 -41.93 -10.60
CA SER A 61 21.47 -41.69 -10.43
C SER A 61 21.13 -41.63 -8.95
N GLU A 62 19.88 -41.27 -8.62
CA GLU A 62 19.33 -41.17 -7.23
C GLU A 62 19.75 -39.85 -6.57
N THR A 63 18.77 -38.95 -6.37
CA THR A 63 19.06 -37.64 -5.77
C THR A 63 19.92 -37.73 -4.51
N SER A 64 19.55 -38.59 -3.58
CA SER A 64 20.29 -38.68 -2.32
C SER A 64 21.77 -38.98 -2.60
N VAL A 65 22.03 -39.91 -3.53
CA VAL A 65 23.41 -40.31 -3.89
C VAL A 65 24.16 -39.16 -4.57
N ILE A 66 23.47 -38.53 -5.53
CA ILE A 66 24.02 -37.39 -6.27
C ILE A 66 24.43 -36.23 -5.33
N LEU A 67 23.54 -35.90 -4.39
CA LEU A 67 23.81 -34.81 -3.46
C LEU A 67 25.03 -35.08 -2.58
N ASP A 68 25.20 -36.35 -2.15
CA ASP A 68 26.34 -36.73 -1.35
C ASP A 68 27.65 -36.63 -2.13
N TYR A 69 27.64 -37.09 -3.39
CA TYR A 69 28.77 -36.94 -4.30
C TYR A 69 29.12 -35.48 -4.49
N ILE A 70 28.12 -34.63 -4.72
CA ILE A 70 28.37 -33.19 -4.89
C ILE A 70 29.05 -32.57 -3.66
N GLU A 71 28.53 -32.86 -2.45
CA GLU A 71 29.16 -32.36 -1.21
C GLU A 71 30.65 -32.69 -1.08
N GLN A 72 30.96 -33.96 -1.35
CA GLN A 72 32.26 -34.55 -1.23
C GLN A 72 33.26 -33.98 -2.24
N THR A 73 32.82 -33.74 -3.46
CA THR A 73 33.75 -33.47 -4.55
C THR A 73 33.80 -32.01 -4.99
N GLN A 74 32.80 -31.22 -4.63
CA GLN A 74 32.67 -29.89 -5.22
C GLN A 74 32.91 -28.80 -4.22
N GLY A 75 33.38 -27.66 -4.71
CA GLY A 75 33.49 -26.40 -3.93
C GLY A 75 32.17 -25.71 -3.62
N GLY A 76 32.24 -24.54 -2.98
CA GLY A 76 31.02 -23.80 -2.67
C GLY A 76 30.47 -24.10 -1.29
N LYS A 77 29.48 -23.32 -0.89
CA LYS A 77 28.84 -23.38 0.41
C LYS A 77 28.61 -24.82 0.88
N ALA A 78 29.10 -25.18 2.06
CA ALA A 78 28.78 -26.50 2.66
C ALA A 78 27.28 -26.62 2.95
N LEU A 79 26.72 -27.79 2.62
CA LEU A 79 25.29 -28.09 2.87
C LEU A 79 25.15 -29.22 3.91
N LEU A 80 26.20 -29.39 4.70
CA LEU A 80 26.26 -30.33 5.81
C LEU A 80 27.00 -29.68 6.96
N PRO A 81 26.64 -30.06 8.21
CA PRO A 81 27.44 -29.66 9.38
C PRO A 81 28.87 -30.28 9.35
N ALA A 82 29.76 -29.79 10.22
CA ALA A 82 31.17 -30.26 10.27
C ALA A 82 31.35 -31.65 10.95
N ASP A 83 30.46 -32.01 11.86
CA ASP A 83 30.64 -33.20 12.70
C ASP A 83 29.95 -34.45 12.12
N PRO A 84 30.61 -35.61 12.24
CA PRO A 84 30.06 -36.85 11.65
C PRO A 84 28.66 -37.17 12.12
N PHE A 85 28.39 -37.08 13.41
CA PHE A 85 27.05 -37.41 13.88
C PHE A 85 26.00 -36.46 13.27
N GLY A 86 26.30 -35.18 13.27
CA GLY A 86 25.44 -34.19 12.60
C GLY A 86 25.16 -34.47 11.13
N GLN A 87 26.20 -34.86 10.38
CA GLN A 87 26.00 -35.29 8.97
C GLN A 87 25.05 -36.48 8.84
N ALA A 88 25.22 -37.48 9.71
CA ALA A 88 24.33 -38.64 9.67
C ALA A 88 22.91 -38.25 10.04
N LYS A 89 22.76 -37.28 10.97
CA LYS A 89 21.42 -36.80 11.33
C LYS A 89 20.74 -36.08 10.16
N VAL A 90 21.49 -35.31 9.39
CA VAL A 90 20.94 -34.71 8.14
C VAL A 90 20.48 -35.82 7.21
N ARG A 91 21.36 -36.81 7.03
CA ARG A 91 21.03 -37.93 6.11
C ARG A 91 19.85 -38.77 6.57
N GLU A 92 19.76 -39.02 7.88
CA GLU A 92 18.56 -39.66 8.47
C GLU A 92 17.27 -38.87 8.17
N LEU A 93 17.27 -37.58 8.45
CA LEU A 93 16.12 -36.76 8.09
C LEU A 93 15.79 -36.71 6.58
N LEU A 94 16.82 -36.55 5.73
CA LEU A 94 16.60 -36.61 4.29
C LEU A 94 15.94 -37.95 3.87
N LYS A 95 16.47 -39.04 4.39
CA LYS A 95 15.93 -40.38 4.09
C LYS A 95 14.47 -40.53 4.55
N GLU A 96 14.19 -40.03 5.74
CA GLU A 96 12.83 -40.12 6.26
C GLU A 96 11.85 -39.35 5.39
N ILE A 97 12.24 -38.17 4.95
CA ILE A 97 11.35 -37.37 4.12
C ILE A 97 11.11 -38.10 2.80
N GLU A 98 12.18 -38.62 2.22
CA GLU A 98 12.06 -39.38 0.98
C GLU A 98 11.15 -40.60 1.13
N LEU A 99 11.46 -41.51 2.06
CA LEU A 99 10.75 -42.78 2.09
C LEU A 99 9.36 -42.63 2.70
N TYR A 100 9.19 -41.66 3.60
CA TYR A 100 7.96 -41.66 4.40
C TYR A 100 7.05 -40.50 4.08
N ILE A 101 7.50 -39.60 3.22
CA ILE A 101 6.64 -38.49 2.76
C ILE A 101 6.59 -38.46 1.24
N GLU A 102 7.75 -38.35 0.59
CA GLU A 102 7.74 -38.24 -0.86
C GLU A 102 7.17 -39.48 -1.60
N LEU A 103 7.67 -40.68 -1.28
CA LEU A 103 7.21 -41.89 -1.95
C LEU A 103 5.73 -42.17 -1.72
N PRO A 104 5.25 -42.09 -0.47
CA PRO A 104 3.80 -42.30 -0.38
C PRO A 104 2.97 -41.25 -1.12
N ALA A 105 3.35 -39.97 -1.06
CA ALA A 105 2.63 -38.96 -1.84
C ALA A 105 2.64 -39.27 -3.34
N ARG A 106 3.80 -39.74 -3.82
CA ARG A 106 4.02 -40.07 -5.23
C ARG A 106 2.98 -41.10 -5.74
N THR A 107 2.52 -41.97 -4.84
CA THR A 107 1.52 -42.99 -5.21
C THR A 107 0.21 -42.34 -5.61
N CYS A 108 0.03 -41.08 -5.20
CA CYS A 108 -1.18 -40.37 -5.52
C CYS A 108 -1.01 -39.24 -6.51
N TYR A 109 0.17 -39.09 -7.12
CA TYR A 109 0.37 -37.99 -8.09
C TYR A 109 -0.51 -38.17 -9.33
N ALA A 110 -0.82 -39.42 -9.68
CA ALA A 110 -1.74 -39.68 -10.78
C ALA A 110 -3.03 -38.90 -10.61
N GLU A 111 -3.59 -38.90 -9.41
CA GLU A 111 -4.86 -38.22 -9.13
C GLU A 111 -4.68 -36.72 -8.92
N SER A 112 -3.69 -36.34 -8.12
CA SER A 112 -3.55 -34.95 -7.71
C SER A 112 -3.08 -34.04 -8.85
N PHE A 113 -2.27 -34.60 -9.75
CA PHE A 113 -1.74 -33.79 -10.84
C PHE A 113 -2.23 -34.15 -12.23
N PHE A 114 -2.54 -35.41 -12.47
CA PHE A 114 -3.00 -35.82 -13.80
C PHE A 114 -4.52 -36.10 -13.87
N GLY A 115 -5.24 -35.77 -12.81
CA GLY A 115 -6.70 -35.96 -12.74
C GLY A 115 -7.25 -37.38 -12.97
N MSE A 116 -6.37 -38.39 -12.83
CA MSE A 116 -6.72 -39.81 -12.95
C MSE A 116 -6.84 -40.47 -11.57
O MSE A 116 -5.82 -40.69 -10.90
CB MSE A 116 -5.67 -40.57 -13.78
CG MSE A 116 -5.59 -40.17 -15.27
SE MSE A 116 -7.37 -40.10 -16.15
CE MSE A 116 -7.90 -42.00 -15.92
N SER A 117 -8.05 -40.80 -11.14
CA SER A 117 -8.27 -41.35 -9.80
C SER A 117 -7.48 -42.64 -9.48
N VAL A 118 -7.04 -42.72 -8.23
CA VAL A 118 -6.20 -43.79 -7.77
C VAL A 118 -7.10 -44.81 -7.06
N GLU A 119 -6.70 -46.08 -7.12
CA GLU A 119 -7.41 -47.13 -6.37
C GLU A 119 -7.60 -46.77 -4.89
N PRO A 120 -8.77 -47.09 -4.35
CA PRO A 120 -9.05 -46.79 -2.95
C PRO A 120 -8.07 -47.44 -1.99
N LEU A 121 -7.58 -48.64 -2.29
CA LEU A 121 -6.60 -49.29 -1.42
C LEU A 121 -5.27 -48.48 -1.38
N ILE A 122 -4.92 -47.90 -2.52
CA ILE A 122 -3.70 -47.12 -2.63
C ILE A 122 -3.86 -45.80 -1.84
N LYS A 123 -5.05 -45.21 -1.87
CA LYS A 123 -5.33 -43.98 -1.11
C LYS A 123 -5.26 -44.19 0.39
N GLU A 124 -5.90 -45.27 0.86
CA GLU A 124 -5.87 -45.66 2.27
C GLU A 124 -4.45 -45.80 2.76
N LYS A 125 -3.63 -46.50 1.98
CA LYS A 125 -2.26 -46.75 2.38
C LYS A 125 -1.48 -45.43 2.41
N ALA A 126 -1.67 -44.59 1.39
CA ALA A 126 -1.01 -43.29 1.36
C ALA A 126 -1.38 -42.41 2.54
N ARG A 127 -2.66 -42.37 2.91
CA ARG A 127 -3.06 -41.61 4.08
C ARG A 127 -2.33 -42.06 5.36
N ALA A 128 -2.30 -43.38 5.61
CA ALA A 128 -1.64 -43.87 6.82
C ALA A 128 -0.13 -43.57 6.74
N ASP A 129 0.46 -43.81 5.57
CA ASP A 129 1.91 -43.58 5.41
C ASP A 129 2.30 -42.10 5.58
N LEU A 130 1.49 -41.20 5.00
CA LEU A 130 1.74 -39.75 5.14
C LEU A 130 1.53 -39.22 6.53
N LEU A 131 0.45 -39.65 7.16
CA LEU A 131 0.25 -39.32 8.54
C LEU A 131 1.47 -39.77 9.38
N ALA A 132 1.99 -40.96 9.12
CA ALA A 132 3.13 -41.42 9.92
C ALA A 132 4.41 -40.65 9.55
N GLY A 133 4.53 -40.31 8.28
CA GLY A 133 5.74 -39.65 7.79
C GLY A 133 5.84 -38.24 8.33
N PHE A 134 4.71 -37.55 8.33
CA PHE A 134 4.65 -36.21 8.91
C PHE A 134 4.86 -36.24 10.43
N ALA A 135 4.34 -37.26 11.09
CA ALA A 135 4.57 -37.44 12.54
C ALA A 135 6.06 -37.63 12.84
N THR A 136 6.71 -38.48 12.03
CA THR A 136 8.17 -38.72 12.11
C THR A 136 8.98 -37.44 11.94
N LEU A 137 8.61 -36.65 10.93
CA LEU A 137 9.31 -35.39 10.69
C LEU A 137 9.16 -34.41 11.85
N LYS A 138 7.99 -34.38 12.45
CA LYS A 138 7.73 -33.46 13.55
C LYS A 138 8.54 -33.85 14.78
N ARG A 139 8.61 -35.17 15.02
CA ARG A 139 9.31 -35.73 16.16
C ARG A 139 10.82 -35.60 16.03
N ASN A 140 11.34 -35.83 14.83
CA ASN A 140 12.78 -35.91 14.62
C ASN A 140 13.44 -34.64 14.13
N GLY A 141 12.66 -33.79 13.46
CA GLY A 141 13.18 -32.53 12.88
C GLY A 141 13.43 -31.50 13.95
N ARG A 142 14.45 -30.67 13.77
CA ARG A 142 14.73 -29.61 14.73
C ARG A 142 13.98 -28.32 14.39
N PHE A 143 13.94 -28.00 13.10
CA PHE A 143 13.23 -26.81 12.61
C PHE A 143 13.69 -25.55 13.34
N ALA A 144 14.96 -25.25 13.19
CA ALA A 144 15.56 -24.20 13.99
C ALA A 144 16.25 -23.11 13.19
N PRO A 145 15.67 -22.69 12.05
CA PRO A 145 14.37 -22.98 11.43
C PRO A 145 14.41 -24.16 10.47
N TYR A 146 15.61 -24.53 10.06
CA TYR A 146 15.80 -25.59 9.06
C TYR A 146 15.58 -26.99 9.64
N VAL A 147 15.44 -27.96 8.74
CA VAL A 147 15.08 -29.30 9.15
C VAL A 147 15.95 -29.85 10.28
N ALA A 148 17.27 -29.74 10.09
CA ALA A 148 18.21 -30.42 10.95
C ALA A 148 18.76 -29.51 11.99
N GLY A 149 18.42 -28.22 11.94
CA GLY A 149 19.06 -27.29 12.88
C GLY A 149 19.04 -25.85 12.42
N GLU A 150 20.14 -25.13 12.69
CA GLU A 150 20.22 -23.68 12.41
C GLU A 150 20.75 -23.29 11.03
N GLN A 151 21.18 -24.28 10.23
CA GLN A 151 21.77 -23.98 8.90
C GLN A 151 21.10 -24.79 7.80
N LEU A 152 21.04 -24.22 6.59
CA LEU A 152 20.55 -24.93 5.40
C LEU A 152 21.41 -26.19 5.17
N THR A 153 20.75 -27.33 5.01
CA THR A 153 21.45 -28.59 4.69
C THR A 153 20.71 -29.32 3.57
N LEU A 154 21.31 -30.43 3.08
CA LEU A 154 20.65 -31.31 2.13
C LEU A 154 19.23 -31.70 2.52
N ALA A 155 18.99 -31.94 3.79
CA ALA A 155 17.65 -32.32 4.18
C ALA A 155 16.60 -31.27 3.87
N ASP A 156 17.00 -29.98 3.84
CA ASP A 156 16.06 -28.91 3.49
C ASP A 156 15.65 -28.94 2.03
N LEU A 157 16.55 -29.41 1.16
CA LEU A 157 16.24 -29.60 -0.24
C LEU A 157 15.17 -30.70 -0.42
N MSE A 158 15.36 -31.85 0.22
CA MSE A 158 14.33 -32.89 0.13
C MSE A 158 13.02 -32.41 0.76
O MSE A 158 11.94 -32.67 0.25
CB MSE A 158 14.85 -34.16 0.84
CG MSE A 158 13.90 -35.33 0.91
SE MSE A 158 13.57 -36.20 -0.79
CE MSE A 158 15.35 -36.73 -1.41
N PHE A 159 13.11 -31.69 1.88
CA PHE A 159 11.90 -31.10 2.50
C PHE A 159 11.16 -30.15 1.55
N CYS A 160 11.85 -29.20 0.95
CA CYS A 160 11.10 -28.14 0.31
C CYS A 160 10.48 -28.57 -1.02
N PHE A 161 11.02 -29.63 -1.64
CA PHE A 161 10.44 -30.15 -2.88
C PHE A 161 9.68 -31.46 -2.70
N SER A 162 9.54 -31.95 -1.47
CA SER A 162 8.61 -33.07 -1.20
C SER A 162 7.34 -32.59 -0.48
N VAL A 163 7.52 -31.77 0.53
CA VAL A 163 6.42 -31.41 1.45
C VAL A 163 5.35 -30.55 0.74
N ASP A 164 5.77 -29.71 -0.21
CA ASP A 164 4.82 -28.98 -1.10
C ASP A 164 3.92 -29.94 -1.88
N LEU A 165 4.52 -30.91 -2.56
CA LEU A 165 3.73 -31.89 -3.29
C LEU A 165 2.91 -32.79 -2.39
N ALA A 166 3.46 -33.15 -1.24
CA ALA A 166 2.71 -33.99 -0.28
C ALA A 166 1.48 -33.26 0.25
N ASN A 167 1.63 -31.96 0.54
CA ASN A 167 0.48 -31.20 1.04
C ASN A 167 -0.60 -31.00 -0.03
N ALA A 168 -0.19 -30.87 -1.29
CA ALA A 168 -1.16 -30.82 -2.40
C ALA A 168 -1.94 -32.13 -2.48
N VAL A 169 -1.23 -33.27 -2.42
CA VAL A 169 -1.89 -34.58 -2.37
C VAL A 169 -2.84 -34.60 -1.19
N GLY A 170 -2.37 -34.15 -0.02
CA GLY A 170 -3.22 -34.12 1.16
C GLY A 170 -4.54 -33.38 0.88
N LYS A 171 -4.43 -32.14 0.42
CA LYS A 171 -5.62 -31.32 0.23
C LYS A 171 -6.51 -31.86 -0.89
N LYS A 172 -5.93 -32.19 -2.05
CA LYS A 172 -6.73 -32.57 -3.20
C LYS A 172 -7.30 -33.99 -3.14
N VAL A 173 -6.49 -34.93 -2.66
CA VAL A 173 -6.84 -36.36 -2.68
C VAL A 173 -7.39 -36.87 -1.34
N LEU A 174 -6.80 -36.44 -0.24
CA LEU A 174 -7.08 -37.08 1.03
C LEU A 174 -7.97 -36.27 1.96
N ASN A 175 -8.23 -35.01 1.60
CA ASN A 175 -8.98 -34.07 2.45
C ASN A 175 -8.29 -33.79 3.80
N ILE A 176 -6.96 -33.66 3.77
CA ILE A 176 -6.15 -33.40 4.98
C ILE A 176 -5.09 -32.37 4.63
N ASP A 177 -4.99 -31.31 5.43
CA ASP A 177 -3.93 -30.32 5.25
C ASP A 177 -2.90 -30.67 6.30
N PHE A 178 -1.82 -31.32 5.88
CA PHE A 178 -0.79 -31.71 6.81
C PHE A 178 -0.09 -30.49 7.42
N LEU A 179 -0.01 -29.40 6.69
CA LEU A 179 0.74 -28.25 7.19
C LEU A 179 -0.09 -27.35 8.12
N ALA A 180 -1.41 -27.52 8.15
CA ALA A 180 -2.29 -26.71 9.02
C ALA A 180 -1.98 -26.86 10.51
N ASP A 181 -1.54 -28.06 10.92
N ASP A 181 -1.51 -28.03 10.94
CA ASP A 181 -1.16 -28.35 12.31
CA ASP A 181 -1.15 -28.26 12.35
C ASP A 181 0.34 -28.61 12.52
C ASP A 181 0.35 -28.50 12.59
N PHE A 182 1.18 -28.08 11.62
CA PHE A 182 2.63 -28.31 11.67
C PHE A 182 3.29 -26.96 11.38
N PRO A 183 3.17 -26.00 12.32
CA PRO A 183 3.63 -24.66 12.01
C PRO A 183 5.12 -24.53 11.75
N GLN A 184 5.93 -25.37 12.41
CA GLN A 184 7.38 -25.45 12.17
C GLN A 184 7.64 -25.64 10.66
N ALA A 185 6.90 -26.57 10.07
CA ALA A 185 7.09 -26.96 8.69
C ALA A 185 6.51 -25.88 7.78
N LYS A 186 5.42 -25.30 8.21
CA LYS A 186 4.77 -24.24 7.42
C LYS A 186 5.73 -23.07 7.25
N ALA A 187 6.39 -22.70 8.35
CA ALA A 187 7.30 -21.57 8.35
C ALA A 187 8.55 -21.84 7.52
N LEU A 188 9.08 -23.07 7.58
CA LEU A 188 10.27 -23.41 6.80
C LEU A 188 9.95 -23.41 5.30
N LEU A 189 8.78 -23.92 4.93
CA LEU A 189 8.41 -23.97 3.54
C LEU A 189 8.34 -22.55 2.99
N GLN A 190 7.79 -21.60 3.73
CA GLN A 190 7.80 -20.22 3.23
C GLN A 190 9.21 -19.68 3.13
N LEU A 191 10.05 -20.03 4.09
CA LEU A 191 11.44 -19.56 4.12
C LEU A 191 12.27 -20.05 2.91
N MSE A 192 12.16 -21.36 2.61
CA MSE A 192 12.79 -21.94 1.44
C MSE A 192 12.20 -21.31 0.20
O MSE A 192 12.88 -21.18 -0.80
CB MSE A 192 12.57 -23.47 1.41
CG MSE A 192 13.25 -24.32 2.52
SE MSE A 192 15.15 -23.98 2.65
CE MSE A 192 15.74 -24.83 0.99
N GLY A 193 10.93 -20.91 0.27
CA GLY A 193 10.26 -20.21 -0.88
C GLY A 193 10.90 -18.88 -1.26
N GLU A 194 11.64 -18.32 -0.31
CA GLU A 194 12.33 -17.04 -0.44
C GLU A 194 13.82 -17.18 -0.80
N ASN A 195 14.26 -18.41 -1.04
CA ASN A 195 15.64 -18.63 -1.49
C ASN A 195 15.83 -17.89 -2.82
N PRO A 196 16.96 -17.19 -2.97
CA PRO A 196 17.22 -16.38 -4.16
C PRO A 196 17.23 -17.14 -5.49
N HIS A 197 17.41 -18.47 -5.43
CA HIS A 197 17.46 -19.29 -6.64
C HIS A 197 16.11 -19.88 -6.99
N MSE A 198 15.13 -19.71 -6.09
CA MSE A 198 13.81 -20.29 -6.31
C MSE A 198 13.10 -19.67 -7.52
O MSE A 198 12.49 -20.42 -8.29
CB MSE A 198 12.97 -20.23 -5.02
CG MSE A 198 11.74 -21.07 -5.04
SE MSE A 198 12.18 -23.00 -5.18
CE MSE A 198 13.41 -23.15 -3.72
N PRO A 199 13.17 -18.32 -7.71
CA PRO A 199 12.49 -17.81 -8.91
C PRO A 199 12.92 -18.52 -10.22
N ARG A 200 14.23 -18.74 -10.41
CA ARG A 200 14.76 -19.46 -11.56
C ARG A 200 14.24 -20.91 -11.66
N ILE A 201 14.21 -21.62 -10.53
CA ILE A 201 13.67 -22.97 -10.52
C ILE A 201 12.22 -23.01 -10.93
N LEU A 202 11.42 -22.11 -10.38
CA LEU A 202 10.02 -22.11 -10.68
C LEU A 202 9.69 -21.62 -12.10
N ALA A 203 10.50 -20.69 -12.60
CA ALA A 203 10.37 -20.16 -13.96
C ALA A 203 10.67 -21.26 -14.98
N ASP A 204 11.77 -21.98 -14.74
CA ASP A 204 12.17 -23.11 -15.61
C ASP A 204 11.11 -24.20 -15.57
N LYS A 205 10.61 -24.50 -14.37
CA LYS A 205 9.50 -25.44 -14.27
C LYS A 205 8.31 -25.04 -15.15
N GLU A 206 7.89 -23.77 -15.06
CA GLU A 206 6.71 -23.32 -15.81
C GLU A 206 6.97 -23.41 -17.32
N ALA A 207 8.17 -23.01 -17.72
CA ALA A 207 8.57 -23.02 -19.12
C ALA A 207 8.60 -24.42 -19.72
N SER A 208 8.84 -25.42 -18.87
CA SER A 208 9.06 -26.81 -19.26
C SER A 208 7.78 -27.62 -19.19
N MSE A 209 6.77 -27.06 -18.57
CA MSE A 209 5.56 -27.80 -18.27
C MSE A 209 4.84 -28.28 -19.57
O MSE A 209 4.44 -29.46 -19.64
CB MSE A 209 4.62 -27.01 -17.35
CG MSE A 209 3.27 -27.71 -17.05
SE MSE A 209 3.54 -29.25 -15.81
CE MSE A 209 4.11 -28.16 -14.25
N PRO A 210 4.70 -27.40 -20.58
CA PRO A 210 3.92 -27.88 -21.73
C PRO A 210 4.57 -29.08 -22.43
N ALA A 211 5.90 -29.07 -22.55
CA ALA A 211 6.57 -30.21 -23.20
C ALA A 211 6.43 -31.48 -22.37
N PHE A 212 6.61 -31.34 -21.06
CA PHE A 212 6.41 -32.48 -20.18
C PHE A 212 4.99 -33.07 -20.36
N MSE A 213 3.97 -32.21 -20.33
CA MSE A 213 2.61 -32.72 -20.49
C MSE A 213 2.35 -33.33 -21.87
O MSE A 213 1.57 -34.28 -22.01
CB MSE A 213 1.59 -31.63 -20.19
CG MSE A 213 1.66 -31.08 -18.78
SE MSE A 213 1.35 -32.43 -17.38
CE MSE A 213 -0.42 -33.00 -18.00
N GLU A 214 3.00 -32.79 -22.89
CA GLU A 214 2.89 -33.35 -24.24
C GLU A 214 3.55 -34.73 -24.28
N MSE A 215 4.71 -34.87 -23.62
CA MSE A 215 5.38 -36.16 -23.51
C MSE A 215 4.42 -37.17 -22.84
O MSE A 215 4.27 -38.32 -23.31
CB MSE A 215 6.68 -36.00 -22.72
CG MSE A 215 7.57 -37.24 -22.67
SE MSE A 215 7.03 -38.53 -21.27
CE MSE A 215 7.27 -37.38 -19.71
N ILE A 216 3.77 -36.75 -21.77
CA ILE A 216 2.79 -37.60 -21.08
C ILE A 216 1.68 -38.00 -22.04
N ARG A 217 1.09 -36.99 -22.70
CA ARG A 217 -0.07 -37.17 -23.57
C ARG A 217 0.19 -38.17 -24.71
N SER A 218 1.37 -38.12 -25.31
CA SER A 218 1.70 -39.04 -26.40
C SER A 218 1.98 -40.48 -25.93
N GLY A 219 2.88 -40.63 -24.95
CA GLY A 219 3.34 -41.95 -24.48
C GLY A 219 2.25 -42.95 -24.13
N SER B 2 9.55 30.41 -7.94
CA SER B 2 8.66 31.53 -7.52
C SER B 2 7.52 31.79 -8.51
N LEU B 3 7.68 31.39 -9.78
CA LEU B 3 6.53 31.33 -10.71
C LEU B 3 5.54 30.27 -10.27
N LYS B 4 4.27 30.62 -10.35
CA LYS B 4 3.17 29.68 -10.13
C LYS B 4 2.30 29.57 -11.37
N LEU B 5 1.93 28.35 -11.76
CA LEU B 5 1.04 28.18 -12.89
C LEU B 5 -0.31 27.71 -12.42
N TYR B 6 -1.31 28.55 -12.61
CA TYR B 6 -2.71 28.22 -12.26
C TYR B 6 -3.43 27.55 -13.38
N GLY B 7 -3.95 26.35 -13.12
CA GLY B 7 -4.75 25.67 -14.12
C GLY B 7 -5.01 24.24 -13.70
N PHE B 8 -5.24 23.40 -14.67
CA PHE B 8 -5.50 21.99 -14.40
C PHE B 8 -4.95 21.15 -15.55
N SER B 9 -4.54 19.94 -15.23
CA SER B 9 -3.73 19.16 -16.17
C SER B 9 -4.49 18.56 -17.36
N VAL B 10 -5.81 18.66 -17.33
CA VAL B 10 -6.62 18.23 -18.47
C VAL B 10 -6.72 19.38 -19.50
N SER B 11 -6.36 20.61 -19.10
CA SER B 11 -6.44 21.75 -20.03
C SER B 11 -5.27 21.75 -21.02
N ASN B 12 -5.59 21.80 -22.29
CA ASN B 12 -4.54 21.82 -23.31
C ASN B 12 -3.74 23.12 -23.27
N TYR B 13 -4.38 24.25 -23.01
CA TYR B 13 -3.65 25.53 -22.90
C TYR B 13 -2.69 25.53 -21.69
N TYR B 14 -3.14 24.94 -20.58
CA TYR B 14 -2.27 24.77 -19.40
C TYR B 14 -1.02 23.94 -19.75
N ASN B 15 -1.24 22.81 -20.40
CA ASN B 15 -0.18 21.90 -20.77
C ASN B 15 0.83 22.50 -21.73
N MSE B 16 0.40 23.44 -22.58
CA MSE B 16 1.36 24.14 -23.44
C MSE B 16 2.35 24.93 -22.59
O MSE B 16 3.55 24.90 -22.86
CB MSE B 16 0.67 25.09 -24.45
CG MSE B 16 -0.35 24.37 -25.31
SE MSE B 16 -1.35 25.72 -26.30
CE MSE B 16 -2.85 24.58 -26.85
N VAL B 17 1.84 25.68 -21.59
CA VAL B 17 2.76 26.47 -20.75
C VAL B 17 3.58 25.55 -19.83
N LYS B 18 2.94 24.52 -19.30
CA LYS B 18 3.64 23.49 -18.53
C LYS B 18 4.86 22.91 -19.30
N LEU B 19 4.64 22.56 -20.56
CA LEU B 19 5.73 22.03 -21.39
C LEU B 19 6.83 23.06 -21.66
N ALA B 20 6.45 24.33 -21.84
CA ALA B 20 7.43 25.36 -22.07
C ALA B 20 8.33 25.47 -20.84
N LEU B 21 7.74 25.55 -19.64
CA LEU B 21 8.50 25.66 -18.38
C LEU B 21 9.42 24.47 -18.15
N LEU B 22 8.91 23.27 -18.40
CA LEU B 22 9.71 22.06 -18.25
C LEU B 22 10.90 22.02 -19.22
N GLU B 23 10.65 22.43 -20.46
CA GLU B 23 11.65 22.35 -21.52
C GLU B 23 12.77 23.37 -21.25
N LYS B 24 12.42 24.52 -20.67
CA LYS B 24 13.43 25.52 -20.37
C LYS B 24 14.12 25.27 -19.03
N GLY B 25 13.67 24.22 -18.34
CA GLY B 25 14.30 23.86 -17.06
C GLY B 25 13.92 24.80 -15.93
N LEU B 26 12.73 25.41 -16.00
CA LEU B 26 12.36 26.47 -15.08
C LEU B 26 11.63 25.90 -13.87
N THR B 27 11.87 26.49 -12.70
CA THR B 27 11.17 26.10 -11.47
C THR B 27 9.79 26.73 -11.41
N PHE B 28 8.78 25.91 -11.13
CA PHE B 28 7.44 26.45 -10.96
C PHE B 28 6.53 25.58 -10.08
N GLU B 29 5.56 26.21 -9.44
CA GLU B 29 4.56 25.51 -8.66
C GLU B 29 3.27 25.40 -9.47
N GLU B 30 2.65 24.22 -9.45
CA GLU B 30 1.35 24.11 -10.05
C GLU B 30 0.26 24.38 -9.02
N VAL B 31 -0.75 25.14 -9.41
CA VAL B 31 -1.88 25.44 -8.53
C VAL B 31 -3.15 25.01 -9.24
N THR B 32 -3.99 24.16 -8.61
CA THR B 32 -5.26 23.70 -9.23
C THR B 32 -6.24 24.86 -9.26
N PHE B 33 -6.72 25.14 -10.47
CA PHE B 33 -7.56 26.29 -10.76
C PHE B 33 -8.29 26.01 -12.08
N TYR B 34 -9.61 26.11 -12.06
CA TYR B 34 -10.40 25.73 -13.21
C TYR B 34 -10.99 26.92 -13.97
N GLY B 35 -10.65 28.12 -13.53
CA GLY B 35 -11.21 29.36 -14.12
C GLY B 35 -12.72 29.42 -13.99
N GLY B 36 -13.40 29.81 -15.07
CA GLY B 36 -14.85 29.88 -15.05
C GLY B 36 -15.35 31.22 -14.57
N GLN B 37 -16.65 31.32 -14.38
CA GLN B 37 -17.31 32.60 -14.19
C GLN B 37 -17.65 33.00 -12.74
N ALA B 38 -17.24 32.19 -11.76
CA ALA B 38 -17.39 32.60 -10.36
C ALA B 38 -16.60 33.89 -10.09
N PRO B 39 -17.15 34.80 -9.25
CA PRO B 39 -16.49 36.10 -9.02
C PRO B 39 -15.05 36.02 -8.57
N GLN B 40 -14.72 35.09 -7.66
CA GLN B 40 -13.34 34.97 -7.16
C GLN B 40 -12.39 34.47 -8.28
N ALA B 41 -12.90 33.62 -9.17
CA ALA B 41 -12.13 33.13 -10.28
C ALA B 41 -11.84 34.26 -11.29
N LEU B 42 -12.83 35.13 -11.54
CA LEU B 42 -12.63 36.26 -12.49
C LEU B 42 -11.64 37.27 -11.94
N GLU B 43 -11.43 37.27 -10.62
CA GLU B 43 -10.40 38.11 -10.01
C GLU B 43 -9.00 37.61 -10.38
N VAL B 44 -8.92 36.34 -10.73
CA VAL B 44 -7.67 35.71 -11.12
C VAL B 44 -7.50 35.77 -12.66
N SER B 45 -8.50 35.32 -13.38
CA SER B 45 -8.47 35.24 -14.83
C SER B 45 -9.70 36.00 -15.34
N PRO B 46 -9.51 37.20 -15.93
CA PRO B 46 -10.64 38.13 -16.19
C PRO B 46 -11.74 37.69 -17.18
N ARG B 47 -11.44 36.72 -18.05
CA ARG B 47 -12.46 36.11 -18.87
C ARG B 47 -12.77 34.69 -18.40
N GLY B 48 -12.10 34.25 -17.34
CA GLY B 48 -12.31 32.92 -16.79
C GLY B 48 -11.59 31.80 -17.51
N LYS B 49 -10.58 32.16 -18.31
CA LYS B 49 -9.83 31.16 -19.07
C LYS B 49 -8.69 30.59 -18.23
N VAL B 50 -8.18 29.45 -18.70
CA VAL B 50 -7.02 28.78 -18.13
C VAL B 50 -5.93 28.71 -19.23
N PRO B 51 -4.64 28.89 -18.88
CA PRO B 51 -4.09 29.07 -17.56
C PRO B 51 -3.84 30.55 -17.20
N VAL B 52 -3.33 30.68 -15.98
CA VAL B 52 -2.86 31.96 -15.48
C VAL B 52 -1.49 31.76 -14.84
N LEU B 53 -0.58 32.66 -15.19
CA LEU B 53 0.75 32.68 -14.55
C LEU B 53 0.77 33.74 -13.46
N GLU B 54 1.19 33.36 -12.25
CA GLU B 54 1.41 34.33 -11.19
C GLU B 54 2.89 34.68 -11.11
N THR B 55 3.19 35.98 -11.26
CA THR B 55 4.56 36.46 -11.21
C THR B 55 4.70 37.41 -10.01
N GLU B 56 5.92 37.86 -9.75
CA GLU B 56 6.22 38.92 -8.78
C GLU B 56 5.31 40.18 -8.95
N HIS B 57 4.83 40.41 -10.17
CA HIS B 57 4.05 41.62 -10.51
C HIS B 57 2.55 41.41 -10.61
N GLY B 58 2.12 40.17 -10.50
CA GLY B 58 0.69 39.86 -10.63
C GLY B 58 0.44 38.75 -11.62
N PHE B 59 -0.85 38.57 -11.93
CA PHE B 59 -1.33 37.52 -12.78
C PHE B 59 -1.26 37.91 -14.26
N LEU B 60 -0.94 36.93 -15.11
CA LEU B 60 -1.08 37.05 -16.58
C LEU B 60 -1.89 35.88 -17.10
N SER B 61 -2.92 36.14 -17.90
CA SER B 61 -3.73 35.08 -18.51
C SER B 61 -3.42 35.00 -20.02
N GLU B 62 -4.01 34.01 -20.70
CA GLU B 62 -3.82 33.75 -22.14
C GLU B 62 -2.47 33.08 -22.43
N THR B 63 -2.50 31.79 -22.73
CA THR B 63 -1.31 31.05 -23.14
C THR B 63 -0.35 31.82 -24.03
N SER B 64 -0.85 32.44 -25.11
CA SER B 64 0.06 33.09 -26.08
C SER B 64 0.84 34.23 -25.38
N VAL B 65 0.14 34.93 -24.49
CA VAL B 65 0.69 36.07 -23.74
C VAL B 65 1.70 35.60 -22.69
N ILE B 66 1.32 34.54 -21.97
CA ILE B 66 2.18 33.88 -20.98
C ILE B 66 3.46 33.36 -21.60
N LEU B 67 3.34 32.66 -22.73
CA LEU B 67 4.54 32.13 -23.41
C LEU B 67 5.52 33.22 -23.82
N ASP B 68 5.00 34.31 -24.37
CA ASP B 68 5.82 35.45 -24.74
C ASP B 68 6.53 36.08 -23.55
N TYR B 69 5.80 36.20 -22.44
CA TYR B 69 6.36 36.77 -21.21
C TYR B 69 7.50 35.89 -20.70
N ILE B 70 7.27 34.57 -20.67
CA ILE B 70 8.31 33.63 -20.23
C ILE B 70 9.53 33.79 -21.16
N GLU B 71 9.29 33.85 -22.45
CA GLU B 71 10.42 33.90 -23.39
C GLU B 71 11.24 35.16 -23.17
N GLN B 72 10.56 36.26 -22.88
CA GLN B 72 11.21 37.56 -22.68
C GLN B 72 11.97 37.69 -21.36
N THR B 73 11.49 37.06 -20.30
CA THR B 73 12.03 37.30 -18.96
C THR B 73 12.85 36.17 -18.34
N GLN B 74 12.71 34.95 -18.85
CA GLN B 74 13.28 33.76 -18.18
C GLN B 74 14.52 33.19 -18.81
N GLY B 75 15.32 32.53 -17.99
CA GLY B 75 16.50 31.83 -18.46
C GLY B 75 16.13 30.50 -19.08
N GLY B 76 17.09 29.88 -19.72
CA GLY B 76 16.90 28.55 -20.27
C GLY B 76 16.87 28.55 -21.78
N LYS B 77 16.76 27.36 -22.35
CA LYS B 77 16.68 27.13 -23.78
C LYS B 77 15.71 28.08 -24.53
N ALA B 78 16.22 28.80 -25.54
CA ALA B 78 15.34 29.64 -26.39
C ALA B 78 14.30 28.77 -27.12
N LEU B 79 13.05 29.21 -27.09
CA LEU B 79 11.96 28.59 -27.85
C LEU B 79 11.50 29.51 -28.99
N LEU B 80 12.39 30.42 -29.40
CA LEU B 80 12.17 31.27 -30.59
C LEU B 80 13.53 31.49 -31.21
N PRO B 81 13.58 31.76 -32.53
CA PRO B 81 14.85 32.15 -33.16
C PRO B 81 15.25 33.53 -32.71
N ALA B 82 16.47 33.93 -33.06
CA ALA B 82 17.00 35.20 -32.56
C ALA B 82 16.49 36.41 -33.37
N ASP B 83 16.05 36.21 -34.60
CA ASP B 83 15.77 37.31 -35.53
C ASP B 83 14.31 37.73 -35.47
N PRO B 84 14.06 39.04 -35.61
CA PRO B 84 12.72 39.49 -35.34
C PRO B 84 11.70 39.01 -36.36
N PHE B 85 12.07 38.92 -37.63
CA PHE B 85 11.12 38.38 -38.57
C PHE B 85 10.78 36.91 -38.27
N GLY B 86 11.83 36.11 -37.97
CA GLY B 86 11.62 34.69 -37.62
C GLY B 86 10.73 34.53 -36.40
N GLN B 87 10.88 35.41 -35.42
CA GLN B 87 10.03 35.38 -34.20
C GLN B 87 8.57 35.69 -34.52
N ALA B 88 8.37 36.69 -35.37
CA ALA B 88 7.04 37.04 -35.85
C ALA B 88 6.42 35.89 -36.64
N LYS B 89 7.20 35.22 -37.47
CA LYS B 89 6.67 34.09 -38.20
C LYS B 89 6.21 32.97 -37.23
N VAL B 90 6.97 32.72 -36.15
CA VAL B 90 6.56 31.73 -35.16
C VAL B 90 5.22 32.18 -34.55
N ARG B 91 5.13 33.46 -34.21
CA ARG B 91 3.88 33.92 -33.59
C ARG B 91 2.69 33.90 -34.54
N GLU B 92 2.92 34.14 -35.83
CA GLU B 92 1.90 34.02 -36.85
C GLU B 92 1.37 32.58 -36.92
N LEU B 93 2.32 31.63 -36.92
CA LEU B 93 1.95 30.22 -36.95
C LEU B 93 1.19 29.81 -35.69
N LEU B 94 1.68 30.27 -34.54
CA LEU B 94 0.98 30.00 -33.27
C LEU B 94 -0.45 30.57 -33.29
N LYS B 95 -0.58 31.84 -33.71
CA LYS B 95 -1.91 32.50 -33.77
C LYS B 95 -2.80 31.72 -34.72
N GLU B 96 -2.26 31.30 -35.86
CA GLU B 96 -3.11 30.60 -36.83
C GLU B 96 -3.61 29.25 -36.27
N ILE B 97 -2.75 28.52 -35.57
CA ILE B 97 -3.19 27.28 -34.96
C ILE B 97 -4.25 27.59 -33.91
N GLU B 98 -4.02 28.60 -33.12
CA GLU B 98 -5.01 28.92 -32.05
C GLU B 98 -6.39 29.31 -32.62
N LEU B 99 -6.41 30.34 -33.47
CA LEU B 99 -7.65 30.87 -34.00
C LEU B 99 -8.34 29.98 -35.02
N TYR B 100 -7.59 29.23 -35.83
CA TYR B 100 -8.24 28.50 -36.93
C TYR B 100 -8.22 26.99 -36.75
N ILE B 101 -7.60 26.47 -35.70
CA ILE B 101 -7.73 25.02 -35.44
C ILE B 101 -8.24 24.83 -34.05
N GLU B 102 -7.54 25.36 -33.05
CA GLU B 102 -7.96 25.10 -31.69
C GLU B 102 -9.34 25.63 -31.38
N LEU B 103 -9.65 26.89 -31.62
CA LEU B 103 -10.99 27.40 -31.26
C LEU B 103 -12.17 26.75 -32.00
N PRO B 104 -12.05 26.52 -33.31
CA PRO B 104 -13.22 25.82 -33.94
C PRO B 104 -13.45 24.36 -33.43
N ALA B 105 -12.33 23.63 -33.19
CA ALA B 105 -12.41 22.30 -32.57
C ALA B 105 -13.09 22.39 -31.20
N ARG B 106 -12.70 23.39 -30.39
CA ARG B 106 -13.25 23.62 -29.06
C ARG B 106 -14.77 23.81 -29.06
N THR B 107 -15.32 24.39 -30.12
CA THR B 107 -16.79 24.46 -30.25
C THR B 107 -17.49 23.09 -30.23
N CYS B 108 -16.73 22.02 -30.55
CA CYS B 108 -17.31 20.68 -30.57
C CYS B 108 -16.81 19.81 -29.40
N TYR B 109 -16.01 20.36 -28.48
CA TYR B 109 -15.50 19.54 -27.36
C TYR B 109 -16.67 18.97 -26.56
N ALA B 110 -17.75 19.74 -26.42
CA ALA B 110 -18.94 19.29 -25.70
C ALA B 110 -19.37 17.93 -26.20
N GLU B 111 -19.23 17.72 -27.50
CA GLU B 111 -19.66 16.45 -28.10
C GLU B 111 -18.56 15.41 -28.07
N SER B 112 -17.33 15.78 -28.43
CA SER B 112 -16.26 14.80 -28.52
C SER B 112 -15.86 14.27 -27.15
N PHE B 113 -15.95 15.12 -26.13
CA PHE B 113 -15.41 14.76 -24.83
C PHE B 113 -16.43 14.65 -23.72
N PHE B 114 -17.50 15.43 -23.79
CA PHE B 114 -18.50 15.38 -22.74
C PHE B 114 -19.83 14.70 -23.15
N GLY B 115 -19.84 13.96 -24.26
CA GLY B 115 -21.05 13.29 -24.76
C GLY B 115 -22.32 14.13 -24.88
N MSE B 116 -22.19 15.43 -25.13
CA MSE B 116 -23.36 16.29 -25.35
C MSE B 116 -23.36 16.80 -26.78
O MSE B 116 -22.53 17.66 -27.15
CB MSE B 116 -23.37 17.47 -24.39
CG MSE B 116 -23.48 17.04 -22.93
SE MSE B 116 -23.79 18.56 -21.73
CE MSE B 116 -22.29 19.75 -22.22
N SER B 117 -24.27 16.25 -27.57
CA SER B 117 -24.35 16.53 -28.99
C SER B 117 -24.54 18.01 -29.25
N VAL B 118 -23.85 18.51 -30.26
N VAL B 118 -23.81 18.52 -30.24
CA VAL B 118 -23.86 19.93 -30.60
CA VAL B 118 -23.86 19.93 -30.62
C VAL B 118 -24.81 20.19 -31.77
C VAL B 118 -24.92 20.16 -31.69
N GLU B 119 -25.29 21.42 -31.86
CA GLU B 119 -26.22 21.84 -32.92
C GLU B 119 -25.64 21.73 -34.33
N PRO B 120 -26.45 21.29 -35.30
CA PRO B 120 -25.98 21.20 -36.69
C PRO B 120 -25.26 22.42 -37.22
N LEU B 121 -25.79 23.63 -36.96
CA LEU B 121 -25.13 24.86 -37.39
C LEU B 121 -23.71 24.94 -36.87
N ILE B 122 -23.55 24.59 -35.59
CA ILE B 122 -22.25 24.65 -34.94
C ILE B 122 -21.32 23.60 -35.53
N LYS B 123 -21.87 22.40 -35.79
CA LYS B 123 -21.09 21.31 -36.39
C LYS B 123 -20.56 21.63 -37.78
N GLU B 124 -21.43 22.15 -38.66
CA GLU B 124 -21.01 22.46 -40.01
C GLU B 124 -20.04 23.62 -40.09
N LYS B 125 -20.20 24.61 -39.21
N LYS B 125 -20.21 24.62 -39.22
CA LYS B 125 -19.26 25.75 -39.12
CA LYS B 125 -19.27 25.74 -39.08
C LYS B 125 -17.86 25.26 -38.69
C LYS B 125 -17.87 25.24 -38.71
N ALA B 126 -17.83 24.33 -37.71
CA ALA B 126 -16.57 23.74 -37.28
C ALA B 126 -15.91 22.92 -38.40
N ARG B 127 -16.70 22.18 -39.17
CA ARG B 127 -16.14 21.42 -40.28
C ARG B 127 -15.46 22.35 -41.29
N ALA B 128 -16.14 23.43 -41.67
CA ALA B 128 -15.56 24.40 -42.61
C ALA B 128 -14.34 25.12 -42.00
N ASP B 129 -14.44 25.53 -40.74
CA ASP B 129 -13.30 26.24 -40.11
C ASP B 129 -12.08 25.34 -39.97
N LEU B 130 -12.32 24.10 -39.58
CA LEU B 130 -11.23 23.15 -39.40
C LEU B 130 -10.54 22.77 -40.72
N LEU B 131 -11.32 22.48 -41.77
CA LEU B 131 -10.71 22.23 -43.08
C LEU B 131 -9.88 23.45 -43.50
N ALA B 132 -10.39 24.67 -43.28
CA ALA B 132 -9.63 25.84 -43.67
C ALA B 132 -8.37 26.05 -42.76
N GLY B 133 -8.53 25.85 -41.46
CA GLY B 133 -7.39 25.93 -40.52
C GLY B 133 -6.28 24.94 -40.83
N PHE B 134 -6.64 23.70 -41.11
CA PHE B 134 -5.61 22.71 -41.50
C PHE B 134 -4.92 23.01 -42.82
N ALA B 135 -5.69 23.53 -43.79
CA ALA B 135 -5.11 23.97 -45.04
C ALA B 135 -4.15 25.14 -44.83
N THR B 136 -4.52 26.05 -43.95
CA THR B 136 -3.65 27.18 -43.64
C THR B 136 -2.36 26.74 -43.00
N LEU B 137 -2.43 25.84 -42.02
CA LEU B 137 -1.22 25.24 -41.44
C LEU B 137 -0.33 24.53 -42.49
N LYS B 138 -0.95 23.83 -43.43
CA LYS B 138 -0.18 23.10 -44.43
C LYS B 138 0.56 24.05 -45.36
N ARG B 139 -0.11 25.13 -45.72
CA ARG B 139 0.50 26.05 -46.64
C ARG B 139 1.58 26.92 -45.97
N ASN B 140 1.38 27.28 -44.70
CA ASN B 140 2.26 28.24 -44.03
C ASN B 140 3.37 27.64 -43.19
N GLY B 141 3.16 26.41 -42.73
CA GLY B 141 4.08 25.71 -41.82
C GLY B 141 5.27 25.19 -42.63
N ARG B 142 6.43 25.06 -42.02
CA ARG B 142 7.57 24.53 -42.73
C ARG B 142 7.78 23.06 -42.45
N PHE B 143 7.39 22.62 -41.26
CA PHE B 143 7.60 21.22 -40.85
C PHE B 143 8.95 20.66 -41.24
N ALA B 144 10.03 21.24 -40.68
CA ALA B 144 11.38 20.84 -41.13
C ALA B 144 12.29 20.32 -40.00
N PRO B 145 11.74 19.52 -39.04
CA PRO B 145 10.40 18.88 -38.95
C PRO B 145 9.38 19.68 -38.14
N TYR B 146 9.87 20.70 -37.44
CA TYR B 146 9.01 21.49 -36.53
C TYR B 146 8.17 22.50 -37.30
N VAL B 147 7.08 22.99 -36.70
CA VAL B 147 6.15 23.85 -37.42
C VAL B 147 6.80 25.00 -38.19
N ALA B 148 7.72 25.71 -37.55
CA ALA B 148 8.27 26.91 -38.12
C ALA B 148 9.64 26.70 -38.79
N GLY B 149 10.13 25.46 -38.82
CA GLY B 149 11.46 25.17 -39.32
C GLY B 149 12.18 24.01 -38.65
N GLU B 150 13.47 24.21 -38.39
CA GLU B 150 14.37 23.14 -37.97
C GLU B 150 14.52 23.01 -36.44
N GLN B 151 13.99 23.98 -35.69
CA GLN B 151 14.15 23.98 -34.24
C GLN B 151 12.79 24.06 -33.56
N LEU B 152 12.67 23.46 -32.38
CA LEU B 152 11.45 23.55 -31.56
C LEU B 152 11.18 25.01 -31.26
N THR B 153 9.95 25.48 -31.45
CA THR B 153 9.59 26.85 -31.02
C THR B 153 8.26 26.81 -30.32
N LEU B 154 7.83 27.98 -29.81
CA LEU B 154 6.49 28.10 -29.20
C LEU B 154 5.36 27.54 -30.10
N ALA B 155 5.49 27.69 -31.41
CA ALA B 155 4.40 27.22 -32.27
C ALA B 155 4.19 25.70 -32.18
N ASP B 156 5.25 24.95 -31.84
CA ASP B 156 5.14 23.48 -31.69
C ASP B 156 4.34 23.11 -30.45
N LEU B 157 4.34 23.99 -29.45
CA LEU B 157 3.55 23.79 -28.22
C LEU B 157 2.07 23.92 -28.54
N MSE B 158 1.72 24.97 -29.28
CA MSE B 158 0.34 25.18 -29.69
C MSE B 158 -0.08 24.05 -30.64
O MSE B 158 -1.20 23.54 -30.56
CB MSE B 158 0.17 26.58 -30.34
CG MSE B 158 -1.21 26.94 -30.83
SE MSE B 158 -2.56 27.13 -29.44
CE MSE B 158 -1.87 28.72 -28.52
N PHE B 159 0.84 23.65 -31.54
CA PHE B 159 0.59 22.53 -32.43
C PHE B 159 0.32 21.23 -31.68
N CYS B 160 1.19 20.85 -30.74
CA CYS B 160 1.05 19.46 -30.26
C CYS B 160 -0.13 19.27 -29.30
N PHE B 161 -0.57 20.36 -28.66
CA PHE B 161 -1.72 20.31 -27.76
C PHE B 161 -3.04 20.80 -28.35
N SER B 162 -3.01 21.19 -29.62
CA SER B 162 -4.22 21.53 -30.38
C SER B 162 -4.63 20.48 -31.43
N VAL B 163 -3.66 20.06 -32.23
CA VAL B 163 -3.95 19.24 -33.39
C VAL B 163 -4.46 17.86 -32.96
N ASP B 164 -3.91 17.33 -31.86
CA ASP B 164 -4.40 16.10 -31.25
C ASP B 164 -5.92 16.16 -30.96
N LEU B 165 -6.36 17.20 -30.25
CA LEU B 165 -7.78 17.33 -29.90
C LEU B 165 -8.63 17.63 -31.14
N ALA B 166 -8.07 18.39 -32.08
CA ALA B 166 -8.84 18.76 -33.28
C ALA B 166 -9.07 17.48 -34.12
N ASN B 167 -8.06 16.61 -34.16
CA ASN B 167 -8.18 15.36 -34.90
C ASN B 167 -9.17 14.40 -34.24
N ALA B 168 -9.17 14.36 -32.90
CA ALA B 168 -10.22 13.69 -32.14
C ALA B 168 -11.64 14.19 -32.45
N VAL B 169 -11.85 15.52 -32.44
CA VAL B 169 -13.09 16.16 -32.93
C VAL B 169 -13.45 15.75 -34.36
N GLY B 170 -12.45 15.78 -35.24
CA GLY B 170 -12.65 15.39 -36.62
C GLY B 170 -13.15 13.98 -36.73
N LYS B 171 -12.48 13.05 -36.05
CA LYS B 171 -12.88 11.65 -36.17
C LYS B 171 -14.23 11.35 -35.54
N LYS B 172 -14.45 11.85 -34.33
CA LYS B 172 -15.65 11.52 -33.57
C LYS B 172 -16.89 12.29 -34.05
N VAL B 173 -16.75 13.58 -34.30
CA VAL B 173 -17.90 14.45 -34.57
C VAL B 173 -18.13 14.68 -36.07
N LEU B 174 -17.07 14.76 -36.88
CA LEU B 174 -17.21 15.15 -38.29
C LEU B 174 -16.97 14.02 -39.28
N ASN B 175 -16.54 12.86 -38.79
CA ASN B 175 -16.06 11.77 -39.66
C ASN B 175 -15.00 12.25 -40.66
N ILE B 176 -14.03 13.03 -40.19
CA ILE B 176 -12.91 13.44 -41.02
C ILE B 176 -11.64 13.18 -40.22
N ASP B 177 -10.70 12.44 -40.80
CA ASP B 177 -9.38 12.30 -40.19
C ASP B 177 -8.43 13.34 -40.83
N PHE B 178 -8.23 14.49 -40.16
CA PHE B 178 -7.46 15.57 -40.75
C PHE B 178 -6.01 15.18 -40.97
N LEU B 179 -5.49 14.33 -40.08
CA LEU B 179 -4.06 14.02 -40.12
C LEU B 179 -3.77 12.96 -41.16
N ALA B 180 -4.81 12.26 -41.60
CA ALA B 180 -4.69 11.20 -42.61
C ALA B 180 -4.05 11.66 -43.93
N ASP B 181 -4.31 12.92 -44.30
N ASP B 181 -4.28 12.91 -44.36
CA ASP B 181 -3.75 13.52 -45.51
CA ASP B 181 -3.60 13.42 -45.57
C ASP B 181 -2.81 14.70 -45.19
C ASP B 181 -2.61 14.55 -45.29
N PHE B 182 -2.11 14.60 -44.05
CA PHE B 182 -1.18 15.67 -43.59
C PHE B 182 0.05 15.01 -42.97
N PRO B 183 0.84 14.29 -43.80
CA PRO B 183 1.90 13.45 -43.26
C PRO B 183 2.94 14.25 -42.44
N GLN B 184 3.17 15.51 -42.82
CA GLN B 184 4.15 16.42 -42.09
C GLN B 184 3.72 16.57 -40.65
N ALA B 185 2.43 16.72 -40.46
CA ALA B 185 1.87 17.01 -39.15
C ALA B 185 1.82 15.70 -38.37
N LYS B 186 1.46 14.59 -39.01
CA LYS B 186 1.43 13.32 -38.32
C LYS B 186 2.85 12.98 -37.77
N ALA B 187 3.87 13.22 -38.57
CA ALA B 187 5.24 12.91 -38.16
C ALA B 187 5.70 13.82 -36.99
N LEU B 188 5.35 15.11 -37.07
CA LEU B 188 5.71 16.04 -36.01
C LEU B 188 4.98 15.68 -34.73
N LEU B 189 3.72 15.29 -34.82
CA LEU B 189 3.02 14.92 -33.60
C LEU B 189 3.68 13.71 -32.89
N GLN B 190 4.14 12.73 -33.65
CA GLN B 190 4.86 11.61 -33.06
C GLN B 190 6.18 12.07 -32.42
N LEU B 191 6.91 12.96 -33.08
CA LEU B 191 8.15 13.51 -32.55
C LEU B 191 7.91 14.23 -31.18
N MSE B 192 6.90 15.08 -31.14
CA MSE B 192 6.56 15.83 -29.92
C MSE B 192 6.15 14.83 -28.83
O MSE B 192 6.49 14.99 -27.66
CB MSE B 192 5.47 16.87 -30.19
CG MSE B 192 5.82 17.99 -31.18
SE MSE B 192 7.35 19.04 -30.53
CE MSE B 192 6.48 19.84 -28.97
N GLY B 193 5.47 13.75 -29.24
CA GLY B 193 5.15 12.63 -28.36
C GLY B 193 6.33 12.02 -27.63
N GLU B 194 7.52 12.09 -28.23
CA GLU B 194 8.74 11.49 -27.66
C GLU B 194 9.54 12.46 -26.77
N ASN B 195 9.01 13.67 -26.61
CA ASN B 195 9.68 14.64 -25.74
C ASN B 195 9.75 14.05 -24.33
N PRO B 196 10.89 14.23 -23.62
CA PRO B 196 11.04 13.51 -22.37
C PRO B 196 10.11 13.96 -21.23
N HIS B 197 9.50 15.14 -21.39
CA HIS B 197 8.53 15.66 -20.44
C HIS B 197 7.09 15.20 -20.69
N MSE B 198 6.85 14.56 -21.83
CA MSE B 198 5.47 14.16 -22.18
C MSE B 198 4.89 13.11 -21.22
O MSE B 198 3.71 13.23 -20.84
CB MSE B 198 5.37 13.68 -23.64
CG MSE B 198 3.93 13.63 -24.20
SE MSE B 198 3.13 15.50 -24.12
CE MSE B 198 4.38 16.42 -25.26
N PRO B 199 5.70 12.09 -20.81
CA PRO B 199 5.07 11.12 -19.87
C PRO B 199 4.50 11.76 -18.60
N ARG B 200 5.26 12.70 -18.04
CA ARG B 200 4.83 13.42 -16.86
C ARG B 200 3.55 14.23 -17.14
N ILE B 201 3.53 14.93 -18.28
CA ILE B 201 2.34 15.69 -18.65
C ILE B 201 1.11 14.81 -18.75
N LEU B 202 1.27 13.69 -19.43
N LEU B 202 1.26 13.69 -19.43
CA LEU B 202 0.14 12.78 -19.65
CA LEU B 202 0.10 12.82 -19.64
C LEU B 202 -0.32 12.13 -18.35
C LEU B 202 -0.33 12.07 -18.37
N ALA B 203 0.64 11.74 -17.51
CA ALA B 203 0.33 11.04 -16.26
C ALA B 203 -0.41 11.99 -15.29
N ASP B 204 0.00 13.25 -15.28
CA ASP B 204 -0.66 14.30 -14.50
C ASP B 204 -2.07 14.55 -15.02
N LYS B 205 -2.20 14.60 -16.34
CA LYS B 205 -3.54 14.71 -16.95
C LYS B 205 -4.47 13.57 -16.48
N GLU B 206 -4.01 12.32 -16.58
CA GLU B 206 -4.84 11.19 -16.14
C GLU B 206 -5.17 11.29 -14.64
N ALA B 207 -4.19 11.72 -13.84
CA ALA B 207 -4.39 11.80 -12.39
C ALA B 207 -5.42 12.87 -12.03
N SER B 208 -5.56 13.87 -12.89
N SER B 208 -5.53 13.89 -12.87
CA SER B 208 -6.38 15.05 -12.60
CA SER B 208 -6.39 15.05 -12.57
C SER B 208 -7.79 14.95 -13.18
C SER B 208 -7.80 14.93 -13.15
N MSE B 209 -8.01 13.96 -14.02
CA MSE B 209 -9.27 13.84 -14.74
C MSE B 209 -10.50 13.64 -13.79
O MSE B 209 -11.52 14.32 -13.97
CB MSE B 209 -9.17 12.74 -15.80
CG MSE B 209 -10.43 12.51 -16.58
SE MSE B 209 -10.66 13.94 -17.92
CE MSE B 209 -9.05 13.72 -19.00
N PRO B 210 -10.42 12.73 -12.79
CA PRO B 210 -11.63 12.58 -11.96
C PRO B 210 -12.04 13.86 -11.24
N ALA B 211 -11.10 14.66 -10.75
CA ALA B 211 -11.50 15.89 -10.07
C ALA B 211 -12.08 16.91 -11.06
N PHE B 212 -11.48 16.97 -12.24
CA PHE B 212 -12.01 17.84 -13.30
C PHE B 212 -13.45 17.47 -13.62
N MSE B 213 -13.71 16.20 -13.89
CA MSE B 213 -15.08 15.79 -14.25
C MSE B 213 -16.05 15.97 -13.11
O MSE B 213 -17.25 16.23 -13.36
CB MSE B 213 -15.10 14.34 -14.70
CG MSE B 213 -14.20 14.03 -15.88
SE MSE B 213 -14.74 15.02 -17.47
CE MSE B 213 -16.30 13.88 -17.92
N GLU B 214 -15.57 15.83 -11.87
CA GLU B 214 -16.42 16.05 -10.70
C GLU B 214 -16.83 17.52 -10.61
N MSE B 215 -15.88 18.42 -10.91
CA MSE B 215 -16.13 19.87 -10.87
C MSE B 215 -17.23 20.18 -11.91
O MSE B 215 -18.17 20.94 -11.64
CB MSE B 215 -14.80 20.60 -11.17
CG MSE B 215 -14.87 22.12 -11.25
SE MSE B 215 -15.57 22.85 -12.98
CE MSE B 215 -14.28 22.16 -14.28
N ILE B 216 -17.16 19.52 -13.05
CA ILE B 216 -18.15 19.68 -14.10
C ILE B 216 -19.55 19.22 -13.64
N ARG B 217 -19.69 18.01 -13.11
CA ARG B 217 -20.99 17.47 -12.62
C ARG B 217 -21.75 18.34 -11.60
N SER B 218 -21.04 19.12 -10.80
CA SER B 218 -21.70 20.14 -9.96
C SER B 218 -21.36 21.56 -10.41
N SER C 2 -28.72 18.39 21.23
CA SER C 2 -28.03 17.76 22.41
C SER C 2 -26.52 17.43 22.26
N LEU C 3 -26.05 16.97 21.07
CA LEU C 3 -24.58 16.74 20.85
C LEU C 3 -23.71 17.96 21.15
N LYS C 4 -22.62 17.77 21.89
CA LYS C 4 -21.63 18.82 22.07
C LYS C 4 -20.26 18.37 21.60
N LEU C 5 -19.54 19.26 20.93
CA LEU C 5 -18.20 18.97 20.45
C LEU C 5 -17.17 19.81 21.22
N TYR C 6 -16.36 19.14 22.02
CA TYR C 6 -15.37 19.80 22.85
C TYR C 6 -14.07 19.87 22.08
N GLY C 7 -13.55 21.06 21.84
CA GLY C 7 -12.26 21.16 21.20
C GLY C 7 -12.00 22.61 20.85
N PHE C 8 -11.20 22.84 19.81
CA PHE C 8 -10.88 24.21 19.41
C PHE C 8 -10.62 24.23 17.91
N SER C 9 -10.98 25.35 17.27
CA SER C 9 -11.03 25.39 15.83
C SER C 9 -9.69 25.46 15.13
N VAL C 10 -8.61 25.48 15.91
CA VAL C 10 -7.27 25.36 15.33
C VAL C 10 -6.86 23.87 15.26
N SER C 11 -7.56 22.99 15.99
CA SER C 11 -7.27 21.55 15.93
C SER C 11 -7.81 20.89 14.63
N ASN C 12 -6.91 20.25 13.89
CA ASN C 12 -7.29 19.51 12.69
C ASN C 12 -8.25 18.38 12.98
N TYR C 13 -7.96 17.65 14.06
CA TYR C 13 -8.84 16.54 14.45
C TYR C 13 -10.26 17.02 14.79
N TYR C 14 -10.34 18.18 15.42
CA TYR C 14 -11.65 18.78 15.76
C TYR C 14 -12.35 19.20 14.48
N ASN C 15 -11.60 19.82 13.57
CA ASN C 15 -12.18 20.26 12.30
C ASN C 15 -12.74 19.11 11.49
N MSE C 16 -12.13 17.93 11.62
CA MSE C 16 -12.64 16.79 10.86
C MSE C 16 -14.05 16.44 11.34
O MSE C 16 -14.94 16.13 10.54
CB MSE C 16 -11.75 15.56 11.01
CG MSE C 16 -10.35 15.71 10.37
SE MSE C 16 -9.20 14.28 11.07
CE MSE C 16 -7.48 15.10 10.65
N VAL C 17 -14.23 16.39 12.66
CA VAL C 17 -15.54 16.05 13.21
C VAL C 17 -16.53 17.19 12.91
N LYS C 18 -16.10 18.43 13.09
CA LYS C 18 -16.96 19.57 12.78
C LYS C 18 -17.47 19.50 11.34
N LEU C 19 -16.58 19.16 10.39
CA LEU C 19 -17.02 19.04 9.00
C LEU C 19 -18.07 17.94 8.80
N ALA C 20 -17.90 16.81 9.48
CA ALA C 20 -18.82 15.69 9.28
C ALA C 20 -20.18 16.15 9.82
N LEU C 21 -20.16 16.82 10.97
CA LEU C 21 -21.43 17.30 11.56
C LEU C 21 -22.12 18.30 10.65
N LEU C 22 -21.35 19.21 10.06
CA LEU C 22 -21.94 20.21 9.13
C LEU C 22 -22.50 19.59 7.85
N GLU C 23 -21.73 18.66 7.31
CA GLU C 23 -22.07 18.01 6.06
C GLU C 23 -23.39 17.22 6.25
N LYS C 24 -23.61 16.73 7.46
CA LYS C 24 -24.79 15.92 7.76
C LYS C 24 -25.98 16.77 8.24
N GLY C 25 -25.80 18.09 8.31
CA GLY C 25 -26.85 18.99 8.78
C GLY C 25 -27.23 18.83 10.25
N LEU C 26 -26.29 18.38 11.08
CA LEU C 26 -26.61 18.03 12.46
C LEU C 26 -26.46 19.22 13.37
N THR C 27 -27.34 19.34 14.37
CA THR C 27 -27.20 20.44 15.32
C THR C 27 -26.18 20.04 16.38
N PHE C 28 -25.31 20.97 16.74
CA PHE C 28 -24.28 20.67 17.76
C PHE C 28 -23.82 21.96 18.39
N GLU C 29 -23.33 21.82 19.62
CA GLU C 29 -22.80 22.93 20.36
C GLU C 29 -21.28 22.78 20.46
N GLU C 30 -20.56 23.83 20.08
CA GLU C 30 -19.10 23.84 20.24
C GLU C 30 -18.77 24.33 21.63
N VAL C 31 -17.87 23.60 22.29
CA VAL C 31 -17.34 23.93 23.61
C VAL C 31 -15.84 24.10 23.51
N THR C 32 -15.36 25.31 23.82
CA THR C 32 -13.91 25.51 23.86
C THR C 32 -13.20 24.64 24.92
N PHE C 33 -12.28 23.80 24.43
CA PHE C 33 -11.58 22.81 25.24
C PHE C 33 -10.22 22.51 24.57
N TYR C 34 -9.11 22.65 25.30
CA TYR C 34 -7.78 22.45 24.71
C TYR C 34 -7.13 21.10 25.10
N GLY C 35 -7.86 20.28 25.87
CA GLY C 35 -7.32 18.98 26.32
C GLY C 35 -6.08 19.17 27.20
N GLY C 36 -5.01 18.43 26.91
CA GLY C 36 -3.79 18.49 27.74
C GLY C 36 -3.88 17.69 29.01
N GLN C 37 -2.87 17.82 29.86
CA GLN C 37 -2.64 16.88 30.97
C GLN C 37 -3.17 17.25 32.36
N ALA C 38 -3.76 18.43 32.48
CA ALA C 38 -4.40 18.86 33.74
C ALA C 38 -5.47 17.85 34.14
N PRO C 39 -5.60 17.55 35.46
CA PRO C 39 -6.59 16.59 35.99
C PRO C 39 -8.02 16.77 35.52
N GLN C 40 -8.56 17.99 35.53
N GLN C 40 -8.47 18.03 35.53
CA GLN C 40 -9.96 18.14 35.09
CA GLN C 40 -9.79 18.45 35.07
C GLN C 40 -10.10 17.91 33.57
C GLN C 40 -10.03 17.95 33.64
N ALA C 41 -9.03 18.17 32.81
CA ALA C 41 -9.04 17.92 31.38
C ALA C 41 -8.98 16.41 31.12
N LEU C 42 -8.21 15.67 31.92
CA LEU C 42 -8.12 14.21 31.74
C LEU C 42 -9.43 13.53 32.11
N GLU C 43 -10.26 14.22 32.88
CA GLU C 43 -11.58 13.69 33.20
C GLU C 43 -12.54 13.73 32.00
N VAL C 44 -12.28 14.64 31.07
CA VAL C 44 -13.07 14.73 29.85
C VAL C 44 -12.48 13.83 28.76
N SER C 45 -11.18 13.98 28.57
CA SER C 45 -10.45 13.26 27.53
C SER C 45 -9.29 12.51 28.19
N PRO C 46 -9.40 11.17 28.33
CA PRO C 46 -8.48 10.33 29.16
C PRO C 46 -7.00 10.32 28.77
N ARG C 47 -6.65 10.63 27.51
CA ARG C 47 -5.23 10.86 27.16
C ARG C 47 -4.90 12.35 26.87
N GLY C 48 -5.87 13.24 27.09
CA GLY C 48 -5.63 14.67 26.86
C GLY C 48 -5.76 15.14 25.42
N LYS C 49 -6.24 14.26 24.54
CA LYS C 49 -6.44 14.61 23.11
C LYS C 49 -7.72 15.39 22.85
N VAL C 50 -7.74 16.04 21.70
CA VAL C 50 -8.92 16.74 21.22
C VAL C 50 -9.29 16.07 19.89
N PRO C 51 -10.61 15.94 19.58
CA PRO C 51 -11.79 16.45 20.28
C PRO C 51 -12.50 15.38 21.11
N VAL C 52 -13.54 15.79 21.82
CA VAL C 52 -14.36 14.84 22.57
C VAL C 52 -15.81 15.18 22.19
N LEU C 53 -16.62 14.15 21.91
CA LEU C 53 -18.03 14.34 21.67
C LEU C 53 -18.79 14.01 22.93
N GLU C 54 -19.63 14.92 23.39
CA GLU C 54 -20.48 14.62 24.53
C GLU C 54 -21.86 14.20 24.03
N THR C 55 -22.28 13.02 24.47
CA THR C 55 -23.58 12.49 24.14
C THR C 55 -24.39 12.34 25.42
N GLU C 56 -25.66 12.05 25.24
CA GLU C 56 -26.58 11.60 26.29
C GLU C 56 -25.96 10.47 27.14
N HIS C 57 -25.10 9.64 26.54
CA HIS C 57 -24.49 8.52 27.27
C HIS C 57 -23.13 8.80 27.87
N GLY C 58 -22.58 9.97 27.59
CA GLY C 58 -21.27 10.35 28.11
C GLY C 58 -20.32 10.76 26.98
N PHE C 59 -19.03 10.87 27.33
CA PHE C 59 -18.00 11.38 26.44
C PHE C 59 -17.38 10.29 25.60
N LEU C 60 -17.12 10.61 24.33
CA LEU C 60 -16.27 9.77 23.44
C LEU C 60 -15.13 10.61 22.89
N SER C 61 -13.91 10.10 22.98
CA SER C 61 -12.77 10.77 22.43
C SER C 61 -12.24 9.99 21.21
N GLU C 62 -11.24 10.56 20.55
CA GLU C 62 -10.64 10.05 19.29
C GLU C 62 -11.54 10.34 18.05
N THR C 63 -11.05 11.18 17.13
CA THR C 63 -11.81 11.51 15.93
C THR C 63 -12.32 10.25 15.21
N SER C 64 -11.46 9.25 15.02
CA SER C 64 -11.91 8.07 14.26
C SER C 64 -13.09 7.40 14.92
N VAL C 65 -13.03 7.32 16.24
CA VAL C 65 -14.10 6.70 17.05
C VAL C 65 -15.38 7.53 17.01
N ILE C 66 -15.22 8.83 17.15
CA ILE C 66 -16.31 9.78 17.12
C ILE C 66 -17.01 9.73 15.75
N LEU C 67 -16.23 9.75 14.68
CA LEU C 67 -16.84 9.71 13.33
C LEU C 67 -17.66 8.43 13.09
N ASP C 68 -17.15 7.30 13.58
CA ASP C 68 -17.89 6.04 13.45
C ASP C 68 -19.20 6.08 14.24
N TYR C 69 -19.15 6.59 15.45
CA TYR C 69 -20.36 6.74 16.27
C TYR C 69 -21.38 7.63 15.56
N ILE C 70 -20.91 8.78 15.06
CA ILE C 70 -21.84 9.69 14.34
C ILE C 70 -22.49 8.99 13.14
N GLU C 71 -21.66 8.28 12.36
CA GLU C 71 -22.15 7.62 11.15
C GLU C 71 -23.21 6.59 11.49
N GLN C 72 -23.01 5.86 12.59
CA GLN C 72 -23.94 4.83 13.00
C GLN C 72 -25.28 5.39 13.57
N THR C 73 -25.23 6.50 14.26
CA THR C 73 -26.38 6.85 15.11
C THR C 73 -27.13 8.11 14.68
N GLN C 74 -26.54 8.90 13.79
CA GLN C 74 -27.11 10.20 13.48
C GLN C 74 -27.64 10.16 12.06
N GLY C 75 -28.54 11.05 11.74
CA GLY C 75 -29.05 11.01 10.37
C GLY C 75 -28.10 11.73 9.44
N GLY C 76 -28.67 12.21 8.34
CA GLY C 76 -27.96 13.05 7.42
C GLY C 76 -27.19 12.28 6.39
N LYS C 77 -26.60 13.04 5.47
CA LYS C 77 -25.82 12.53 4.37
C LYS C 77 -24.89 11.41 4.83
N ALA C 78 -24.95 10.27 4.16
CA ALA C 78 -24.05 9.14 4.46
C ALA C 78 -22.61 9.44 3.98
N LEU C 79 -21.63 9.06 4.79
CA LEU C 79 -20.18 9.23 4.49
C LEU C 79 -19.47 7.86 4.38
N LEU C 80 -20.25 6.83 4.09
CA LEU C 80 -19.75 5.49 3.84
C LEU C 80 -20.61 4.84 2.78
N PRO C 81 -20.06 3.87 2.03
CA PRO C 81 -20.86 3.10 1.06
C PRO C 81 -21.77 2.07 1.72
N ALA C 82 -22.62 1.40 0.92
CA ALA C 82 -23.58 0.40 1.40
C ALA C 82 -22.96 -0.94 1.83
N ASP C 83 -21.82 -1.32 1.22
CA ASP C 83 -21.27 -2.68 1.39
C ASP C 83 -20.21 -2.72 2.51
N PRO C 84 -20.20 -3.81 3.31
CA PRO C 84 -19.24 -3.83 4.43
C PRO C 84 -17.78 -3.78 4.01
N PHE C 85 -17.41 -4.42 2.89
CA PHE C 85 -16.01 -4.37 2.48
C PHE C 85 -15.58 -2.96 2.13
N GLY C 86 -16.40 -2.28 1.33
CA GLY C 86 -16.16 -0.85 1.06
C GLY C 86 -16.07 0.01 2.31
N GLN C 87 -16.93 -0.23 3.30
CA GLN C 87 -16.83 0.54 4.57
C GLN C 87 -15.49 0.29 5.25
N ALA C 88 -15.08 -0.97 5.33
CA ALA C 88 -13.77 -1.30 5.90
C ALA C 88 -12.61 -0.69 5.10
N LYS C 89 -12.72 -0.60 3.77
CA LYS C 89 -11.66 0.02 2.97
C LYS C 89 -11.56 1.52 3.25
N VAL C 90 -12.71 2.17 3.47
CA VAL C 90 -12.70 3.61 3.86
C VAL C 90 -11.95 3.74 5.20
N ARG C 91 -12.27 2.82 6.11
CA ARG C 91 -11.67 2.84 7.43
C ARG C 91 -10.18 2.52 7.40
N GLU C 92 -9.79 1.58 6.54
CA GLU C 92 -8.35 1.30 6.32
C GLU C 92 -7.62 2.52 5.83
N LEU C 93 -8.16 3.16 4.79
CA LEU C 93 -7.56 4.42 4.30
C LEU C 93 -7.54 5.53 5.35
N LEU C 94 -8.63 5.71 6.10
CA LEU C 94 -8.61 6.75 7.15
C LEU C 94 -7.52 6.45 8.18
N LYS C 95 -7.39 5.16 8.53
CA LYS C 95 -6.38 4.77 9.53
C LYS C 95 -4.95 4.99 9.00
N GLU C 96 -4.74 4.66 7.73
CA GLU C 96 -3.43 4.88 7.11
C GLU C 96 -3.02 6.35 7.08
N ILE C 97 -3.94 7.26 6.78
CA ILE C 97 -3.59 8.67 6.78
C ILE C 97 -3.25 9.13 8.20
N GLU C 98 -4.04 8.68 9.17
CA GLU C 98 -3.84 9.07 10.56
C GLU C 98 -2.49 8.57 11.06
N LEU C 99 -2.25 7.25 10.97
CA LEU C 99 -1.04 6.69 11.57
C LEU C 99 0.21 7.02 10.77
N TYR C 100 0.11 7.14 9.46
CA TYR C 100 1.32 7.17 8.63
C TYR C 100 1.57 8.52 7.97
N ILE C 101 0.65 9.47 8.16
CA ILE C 101 0.86 10.84 7.66
C ILE C 101 0.66 11.85 8.77
N GLU C 102 -0.50 11.82 9.42
CA GLU C 102 -0.81 12.84 10.42
C GLU C 102 0.13 12.75 11.61
N LEU C 103 0.31 11.54 12.14
CA LEU C 103 1.09 11.41 13.38
C LEU C 103 2.57 11.70 13.13
N PRO C 104 3.16 11.15 12.04
CA PRO C 104 4.56 11.60 11.85
C PRO C 104 4.70 13.09 11.57
N ALA C 105 3.83 13.68 10.76
CA ALA C 105 3.86 15.16 10.61
C ALA C 105 3.77 15.94 11.92
N ARG C 106 2.89 15.47 12.81
CA ARG C 106 2.60 16.10 14.10
C ARG C 106 3.90 16.13 14.95
N THR C 107 4.82 15.20 14.68
CA THR C 107 6.10 15.26 15.46
C THR C 107 6.91 16.52 15.10
N CYS C 108 6.58 17.15 13.98
CA CYS C 108 7.33 18.33 13.53
C CYS C 108 6.49 19.62 13.62
N TYR C 109 5.28 19.55 14.18
CA TYR C 109 4.46 20.77 14.25
C TYR C 109 5.13 21.85 15.07
N ALA C 110 5.89 21.48 16.11
CA ALA C 110 6.54 22.50 16.94
C ALA C 110 7.40 23.40 16.08
N GLU C 111 8.02 22.82 15.04
CA GLU C 111 8.84 23.60 14.14
C GLU C 111 8.02 24.24 13.02
N SER C 112 7.16 23.46 12.36
CA SER C 112 6.40 24.01 11.25
C SER C 112 5.49 25.17 11.72
N PHE C 113 4.82 24.99 12.86
CA PHE C 113 3.85 25.99 13.34
C PHE C 113 4.46 27.00 14.28
N PHE C 114 5.28 26.54 15.23
CA PHE C 114 5.75 27.42 16.32
C PHE C 114 7.18 27.89 16.20
N GLY C 115 7.85 27.56 15.09
CA GLY C 115 9.22 28.00 14.83
C GLY C 115 10.31 27.38 15.70
N MSE C 116 9.93 26.41 16.54
CA MSE C 116 10.86 25.74 17.45
C MSE C 116 11.47 24.47 16.86
O MSE C 116 10.77 23.44 16.72
CB MSE C 116 10.15 25.38 18.76
CG MSE C 116 9.21 26.42 19.30
SE MSE C 116 8.57 25.90 21.08
CE MSE C 116 7.61 24.24 20.70
N SER C 117 12.78 24.49 16.58
CA SER C 117 13.51 23.38 15.98
C SER C 117 13.24 22.03 16.66
N VAL C 118 13.10 20.99 15.86
CA VAL C 118 12.91 19.63 16.36
C VAL C 118 14.28 18.86 16.45
N GLU C 119 14.41 17.95 17.42
CA GLU C 119 15.60 17.06 17.52
C GLU C 119 15.98 16.49 16.15
N PRO C 120 17.26 16.52 15.78
CA PRO C 120 17.58 15.97 14.46
C PRO C 120 17.10 14.54 14.28
N LEU C 121 17.14 13.68 15.31
CA LEU C 121 16.73 12.28 15.12
C LEU C 121 15.23 12.20 14.79
N ILE C 122 14.47 13.12 15.37
CA ILE C 122 13.02 13.14 15.21
C ILE C 122 12.68 13.62 13.80
N LYS C 123 13.40 14.62 13.33
CA LYS C 123 13.25 15.11 11.94
C LYS C 123 13.49 14.02 10.85
N GLU C 124 14.59 13.29 11.03
N GLU C 124 14.58 13.27 10.98
CA GLU C 124 15.00 12.17 10.21
CA GLU C 124 14.92 12.23 10.03
C GLU C 124 13.91 11.11 10.15
C GLU C 124 13.97 11.04 10.12
N LYS C 125 13.42 10.71 11.32
N LYS C 125 13.42 10.78 11.30
CA LYS C 125 12.37 9.70 11.41
CA LYS C 125 12.40 9.74 11.43
C LYS C 125 11.08 10.18 10.73
C LYS C 125 11.11 10.19 10.73
N ALA C 126 10.76 11.47 10.88
CA ALA C 126 9.55 12.02 10.28
C ALA C 126 9.68 12.03 8.75
N ARG C 127 10.87 12.36 8.25
CA ARG C 127 11.14 12.25 6.81
C ARG C 127 10.83 10.86 6.25
N ALA C 128 11.39 9.84 6.87
CA ALA C 128 11.25 8.47 6.39
C ALA C 128 9.77 8.05 6.51
N ASP C 129 9.17 8.34 7.64
CA ASP C 129 7.75 7.97 7.86
C ASP C 129 6.78 8.65 6.89
N LEU C 130 6.96 9.94 6.69
CA LEU C 130 6.10 10.65 5.73
C LEU C 130 6.25 10.20 4.28
N LEU C 131 7.48 9.99 3.83
CA LEU C 131 7.70 9.42 2.49
C LEU C 131 6.95 8.08 2.39
N ALA C 132 7.03 7.27 3.43
CA ALA C 132 6.33 5.98 3.40
C ALA C 132 4.81 6.12 3.42
N GLY C 133 4.31 7.04 4.25
CA GLY C 133 2.89 7.26 4.42
C GLY C 133 2.32 7.84 3.14
N PHE C 134 3.03 8.75 2.49
CA PHE C 134 2.55 9.26 1.18
C PHE C 134 2.54 8.17 0.09
N ALA C 135 3.53 7.30 0.13
CA ALA C 135 3.61 6.20 -0.80
C ALA C 135 2.43 5.23 -0.57
N THR C 136 2.13 4.90 0.69
CA THR C 136 0.98 4.07 1.01
C THR C 136 -0.33 4.64 0.49
N LEU C 137 -0.54 5.95 0.72
CA LEU C 137 -1.74 6.61 0.23
C LEU C 137 -1.88 6.58 -1.31
N LYS C 138 -0.75 6.73 -2.00
CA LYS C 138 -0.76 6.72 -3.46
C LYS C 138 -1.13 5.31 -3.97
N ARG C 139 -0.58 4.30 -3.29
CA ARG C 139 -0.73 2.90 -3.65
C ARG C 139 -2.18 2.44 -3.41
N ASN C 140 -2.70 2.81 -2.24
CA ASN C 140 -3.98 2.27 -1.78
C ASN C 140 -5.21 3.11 -2.09
N GLY C 141 -5.00 4.43 -2.26
CA GLY C 141 -6.08 5.39 -2.48
C GLY C 141 -6.60 5.23 -3.90
N ARG C 142 -7.91 5.38 -4.08
CA ARG C 142 -8.49 5.37 -5.43
C ARG C 142 -8.47 6.71 -6.15
N PHE C 143 -8.74 7.79 -5.43
CA PHE C 143 -8.72 9.18 -5.96
C PHE C 143 -9.57 9.28 -7.22
N ALA C 144 -10.85 8.94 -7.08
CA ALA C 144 -11.80 8.84 -8.21
C ALA C 144 -13.01 9.77 -8.14
N PRO C 145 -12.83 11.01 -7.66
CA PRO C 145 -11.63 11.74 -7.24
C PRO C 145 -11.31 11.63 -5.73
N TYR C 146 -12.27 11.15 -4.97
CA TYR C 146 -12.14 11.05 -3.51
C TYR C 146 -11.19 9.91 -3.13
N VAL C 147 -10.70 9.93 -1.89
CA VAL C 147 -9.71 8.96 -1.44
C VAL C 147 -10.12 7.52 -1.73
N ALA C 148 -11.35 7.16 -1.37
CA ALA C 148 -11.80 5.79 -1.43
C ALA C 148 -12.52 5.41 -2.73
N GLY C 149 -12.87 6.41 -3.55
CA GLY C 149 -13.73 6.12 -4.68
C GLY C 149 -14.38 7.34 -5.27
N GLU C 150 -15.63 7.19 -5.71
CA GLU C 150 -16.33 8.24 -6.44
C GLU C 150 -17.16 9.18 -5.55
N GLN C 151 -17.28 8.87 -4.26
CA GLN C 151 -18.12 9.69 -3.37
C GLN C 151 -17.32 10.14 -2.14
N LEU C 152 -17.69 11.30 -1.60
CA LEU C 152 -17.19 11.74 -0.30
C LEU C 152 -17.44 10.68 0.81
N THR C 153 -16.38 10.35 1.57
CA THR C 153 -16.45 9.43 2.72
C THR C 153 -15.63 9.98 3.87
N LEU C 154 -15.72 9.30 5.02
CA LEU C 154 -14.95 9.64 6.20
C LEU C 154 -13.46 9.82 5.94
N ALA C 155 -12.91 8.97 5.09
CA ALA C 155 -11.47 9.09 4.79
C ALA C 155 -11.08 10.45 4.20
N ASP C 156 -11.99 11.09 3.47
CA ASP C 156 -11.69 12.40 2.87
C ASP C 156 -11.53 13.48 3.91
N LEU C 157 -12.20 13.32 5.05
CA LEU C 157 -12.05 14.22 6.17
C LEU C 157 -10.65 14.12 6.76
N MSE C 158 -10.22 12.89 7.03
CA MSE C 158 -8.85 12.67 7.53
C MSE C 158 -7.85 13.18 6.49
O MSE C 158 -6.85 13.83 6.87
CB MSE C 158 -8.64 11.17 7.87
CG MSE C 158 -7.30 10.80 8.47
SE MSE C 158 -6.86 11.57 10.22
CE MSE C 158 -8.29 10.79 11.25
N PHE C 159 -8.12 12.92 5.22
CA PHE C 159 -7.27 13.42 4.15
C PHE C 159 -7.16 14.94 4.19
N CYS C 160 -8.28 15.65 4.14
CA CYS C 160 -8.15 17.10 3.87
C CYS C 160 -7.53 17.91 5.01
N PHE C 161 -7.66 17.43 6.25
CA PHE C 161 -7.12 18.14 7.39
C PHE C 161 -5.85 17.50 7.94
N SER C 162 -5.32 16.48 7.26
CA SER C 162 -3.98 15.94 7.60
C SER C 162 -2.94 16.32 6.54
N VAL C 163 -3.32 16.14 5.28
CA VAL C 163 -2.37 16.30 4.18
C VAL C 163 -1.94 17.75 4.00
N ASP C 164 -2.83 18.69 4.32
CA ASP C 164 -2.46 20.13 4.26
C ASP C 164 -1.31 20.40 5.23
N LEU C 165 -1.48 19.97 6.47
CA LEU C 165 -0.48 20.17 7.49
C LEU C 165 0.80 19.36 7.19
N ALA C 166 0.63 18.14 6.69
CA ALA C 166 1.82 17.33 6.40
C ALA C 166 2.65 17.96 5.27
N ASN C 167 1.98 18.56 4.28
CA ASN C 167 2.75 19.15 3.19
C ASN C 167 3.45 20.44 3.64
N ALA C 168 2.83 21.15 4.57
CA ALA C 168 3.52 22.32 5.19
C ALA C 168 4.75 21.88 5.97
N VAL C 169 4.65 20.79 6.74
CA VAL C 169 5.83 20.21 7.38
C VAL C 169 6.87 19.84 6.33
N GLY C 170 6.42 19.19 5.26
CA GLY C 170 7.33 18.81 4.20
C GLY C 170 8.08 20.04 3.69
N LYS C 171 7.34 21.08 3.33
CA LYS C 171 7.99 22.27 2.74
C LYS C 171 8.84 23.05 3.70
N LYS C 172 8.32 23.25 4.91
CA LYS C 172 9.03 24.12 5.86
C LYS C 172 10.18 23.46 6.62
N VAL C 173 10.03 22.17 6.95
CA VAL C 173 10.92 21.49 7.89
C VAL C 173 11.83 20.55 7.11
N LEU C 174 11.30 19.83 6.12
CA LEU C 174 12.00 18.74 5.43
C LEU C 174 12.57 19.05 4.05
N ASN C 175 12.13 20.19 3.50
N ASN C 175 12.24 20.23 3.51
CA ASN C 175 12.45 20.63 2.14
CA ASN C 175 12.46 20.58 2.08
C ASN C 175 11.95 19.66 1.06
C ASN C 175 12.02 19.47 1.14
N ILE C 176 10.75 19.09 1.28
CA ILE C 176 10.10 18.11 0.37
C ILE C 176 8.67 18.61 0.18
N ASP C 177 8.26 18.85 -1.06
CA ASP C 177 6.86 19.12 -1.35
C ASP C 177 6.26 17.78 -1.76
N PHE C 178 5.52 17.15 -0.84
CA PHE C 178 4.98 15.82 -1.10
C PHE C 178 3.90 15.89 -2.20
N LEU C 179 3.16 16.97 -2.22
CA LEU C 179 2.06 17.10 -3.19
C LEU C 179 2.52 17.47 -4.61
N ALA C 180 3.75 17.96 -4.74
CA ALA C 180 4.28 18.26 -6.08
C ALA C 180 4.33 17.04 -7.00
N ASP C 181 4.58 15.85 -6.47
CA ASP C 181 4.60 14.62 -7.27
C ASP C 181 3.38 13.73 -7.05
N PHE C 182 2.32 14.30 -6.49
CA PHE C 182 1.14 13.49 -6.12
C PHE C 182 -0.13 14.19 -6.69
N PRO C 183 -0.23 14.29 -8.04
CA PRO C 183 -1.28 15.09 -8.65
C PRO C 183 -2.69 14.69 -8.23
N GLN C 184 -2.92 13.40 -7.99
CA GLN C 184 -4.27 12.91 -7.53
C GLN C 184 -4.70 13.59 -6.20
N ALA C 185 -3.73 13.72 -5.29
CA ALA C 185 -4.01 14.21 -3.95
C ALA C 185 -4.08 15.74 -4.01
N LYS C 186 -3.25 16.35 -4.85
CA LYS C 186 -3.32 17.79 -5.02
C LYS C 186 -4.69 18.24 -5.54
N ALA C 187 -5.20 17.50 -6.54
CA ALA C 187 -6.52 17.76 -7.12
C ALA C 187 -7.62 17.59 -6.08
N LEU C 188 -7.52 16.53 -5.27
CA LEU C 188 -8.54 16.30 -4.24
C LEU C 188 -8.49 17.42 -3.19
N LEU C 189 -7.28 17.88 -2.82
CA LEU C 189 -7.23 18.86 -1.74
C LEU C 189 -7.92 20.15 -2.21
N GLN C 190 -7.76 20.52 -3.48
CA GLN C 190 -8.48 21.67 -3.99
C GLN C 190 -10.00 21.44 -4.01
N LEU C 191 -10.42 20.24 -4.37
CA LEU C 191 -11.85 19.92 -4.40
C LEU C 191 -12.50 20.03 -3.00
N MSE C 192 -11.83 19.45 -1.99
CA MSE C 192 -12.28 19.56 -0.61
C MSE C 192 -12.28 20.99 -0.15
O MSE C 192 -13.17 21.37 0.60
CB MSE C 192 -11.42 18.71 0.35
CG MSE C 192 -11.39 17.21 0.04
SE MSE C 192 -13.19 16.49 0.27
CE MSE C 192 -13.36 16.72 2.21
N GLY C 193 -11.30 21.79 -0.59
CA GLY C 193 -11.28 23.26 -0.33
C GLY C 193 -12.51 24.05 -0.79
N GLU C 194 -13.23 23.51 -1.78
CA GLU C 194 -14.44 24.12 -2.30
C GLU C 194 -15.73 23.60 -1.62
N ASN C 195 -15.55 22.77 -0.59
CA ASN C 195 -16.69 22.28 0.16
C ASN C 195 -17.40 23.53 0.69
N PRO C 196 -18.73 23.56 0.62
CA PRO C 196 -19.45 24.79 1.02
C PRO C 196 -19.32 25.14 2.51
N HIS C 197 -18.88 24.20 3.33
CA HIS C 197 -18.72 24.46 4.77
C HIS C 197 -17.30 24.90 5.13
N MSE C 198 -16.41 24.85 4.13
CA MSE C 198 -15.02 25.16 4.39
C MSE C 198 -14.78 26.64 4.79
O MSE C 198 -13.99 26.90 5.71
CB MSE C 198 -14.12 24.70 3.24
CG MSE C 198 -12.64 24.76 3.56
SE MSE C 198 -12.22 23.39 4.99
CE MSE C 198 -13.18 21.94 4.28
N PRO C 199 -15.49 27.61 4.15
CA PRO C 199 -15.32 28.98 4.66
C PRO C 199 -15.64 29.16 6.17
N ARG C 200 -16.71 28.52 6.67
N ARG C 200 -16.71 28.52 6.66
CA ARG C 200 -17.03 28.57 8.10
CA ARG C 200 -17.09 28.49 8.08
C ARG C 200 -15.89 27.97 8.95
C ARG C 200 -15.95 27.94 8.96
N ILE C 201 -15.44 26.78 8.58
CA ILE C 201 -14.37 26.13 9.33
C ILE C 201 -13.14 27.03 9.34
N LEU C 202 -12.84 27.65 8.21
CA LEU C 202 -11.63 28.47 8.14
C LEU C 202 -11.78 29.79 8.87
N ALA C 203 -12.97 30.38 8.85
CA ALA C 203 -13.19 31.66 9.55
C ALA C 203 -13.11 31.45 11.05
N ASP C 204 -13.68 30.33 11.50
CA ASP C 204 -13.69 29.98 12.94
C ASP C 204 -12.28 29.71 13.40
N LYS C 205 -11.49 29.01 12.59
CA LYS C 205 -10.09 28.82 12.90
C LYS C 205 -9.36 30.16 13.11
N GLU C 206 -9.51 31.08 12.16
CA GLU C 206 -8.80 32.36 12.25
C GLU C 206 -9.27 33.15 13.47
N ALA C 207 -10.55 33.09 13.72
CA ALA C 207 -11.15 33.82 14.86
C ALA C 207 -10.65 33.26 16.19
N SER C 208 -10.36 31.96 16.23
N SER C 208 -10.37 31.95 16.20
CA SER C 208 -9.99 31.30 17.48
CA SER C 208 -10.00 31.24 17.43
C SER C 208 -8.49 31.30 17.72
C SER C 208 -8.50 31.28 17.71
N MSE C 209 -7.72 31.74 16.74
CA MSE C 209 -6.26 31.63 16.79
C MSE C 209 -5.62 32.44 17.93
O MSE C 209 -4.79 31.92 18.69
CB MSE C 209 -5.63 31.95 15.41
CG MSE C 209 -4.11 31.93 15.36
SE MSE C 209 -3.49 30.05 15.44
CE MSE C 209 -4.15 29.44 13.71
N PRO C 210 -6.04 33.72 18.11
CA PRO C 210 -5.41 34.47 19.20
C PRO C 210 -5.61 33.83 20.61
N ALA C 211 -6.80 33.28 20.92
CA ALA C 211 -6.97 32.63 22.22
C ALA C 211 -6.14 31.36 22.35
N PHE C 212 -6.07 30.59 21.28
CA PHE C 212 -5.22 29.42 21.28
C PHE C 212 -3.75 29.81 21.53
N MSE C 213 -3.27 30.84 20.84
CA MSE C 213 -1.86 31.26 21.05
C MSE C 213 -1.62 31.79 22.47
O MSE C 213 -0.53 31.61 23.03
CB MSE C 213 -1.42 32.36 20.06
CG MSE C 213 -1.02 31.93 18.63
SE MSE C 213 -0.16 30.17 18.38
CE MSE C 213 -1.73 29.18 17.91
N GLU C 214 -2.62 32.48 23.03
CA GLU C 214 -2.52 33.00 24.38
C GLU C 214 -2.46 31.87 25.41
N MSE C 215 -3.23 30.80 25.20
CA MSE C 215 -3.17 29.65 26.10
C MSE C 215 -1.81 28.92 25.98
O MSE C 215 -1.27 28.43 26.97
CB MSE C 215 -4.37 28.71 25.93
CG MSE C 215 -4.14 27.51 25.04
SE MSE C 215 -3.15 26.00 25.88
CE MSE C 215 -2.87 24.89 24.31
N ILE C 216 -1.27 28.87 24.76
CA ILE C 216 0.05 28.27 24.54
C ILE C 216 1.07 29.10 25.33
N ARG C 217 1.14 30.42 25.05
CA ARG C 217 2.08 31.34 25.72
C ARG C 217 2.01 31.34 27.25
N SER C 218 0.81 31.08 27.81
CA SER C 218 0.60 30.90 29.25
C SER C 218 1.13 29.58 29.82
N GLY C 219 0.82 28.46 29.18
CA GLY C 219 1.31 27.15 29.60
C GLY C 219 2.76 26.91 29.22
N SER D 2 -13.04 -20.12 3.71
CA SER D 2 -12.48 -19.24 2.64
C SER D 2 -11.75 -17.97 3.13
N LEU D 3 -11.86 -17.59 4.41
CA LEU D 3 -11.02 -16.47 4.89
C LEU D 3 -9.59 -16.94 5.03
N LYS D 4 -8.65 -16.09 4.63
CA LYS D 4 -7.22 -16.35 4.79
C LYS D 4 -6.62 -15.24 5.63
N LEU D 5 -5.77 -15.60 6.60
CA LEU D 5 -5.13 -14.60 7.43
C LEU D 5 -3.66 -14.60 7.13
N TYR D 6 -3.17 -13.49 6.58
CA TYR D 6 -1.74 -13.36 6.22
C TYR D 6 -0.98 -12.74 7.35
N GLY D 7 0.08 -13.41 7.80
CA GLY D 7 0.87 -12.91 8.89
C GLY D 7 1.82 -13.98 9.41
N PHE D 8 2.26 -13.81 10.64
CA PHE D 8 3.16 -14.75 11.27
C PHE D 8 2.87 -14.79 12.75
N SER D 9 3.06 -15.96 13.37
CA SER D 9 2.62 -16.21 14.74
C SER D 9 3.38 -15.49 15.87
N VAL D 10 4.48 -14.85 15.52
CA VAL D 10 5.23 -14.00 16.48
C VAL D 10 4.59 -12.60 16.53
N SER D 11 3.85 -12.22 15.47
CA SER D 11 3.17 -10.92 15.49
C SER D 11 1.98 -10.83 16.46
N ASN D 12 2.02 -9.82 17.34
CA ASN D 12 0.87 -9.62 18.26
C ASN D 12 -0.42 -9.22 17.55
N TYR D 13 -0.32 -8.28 16.61
CA TYR D 13 -1.45 -7.89 15.75
C TYR D 13 -2.08 -9.10 15.05
N TYR D 14 -1.25 -10.00 14.51
CA TYR D 14 -1.74 -11.24 13.90
C TYR D 14 -2.49 -12.08 14.91
N ASN D 15 -1.90 -12.24 16.08
CA ASN D 15 -2.50 -13.05 17.11
C ASN D 15 -3.81 -12.52 17.62
N MSE D 16 -3.97 -11.18 17.63
CA MSE D 16 -5.27 -10.62 18.00
C MSE D 16 -6.36 -11.08 17.05
O MSE D 16 -7.49 -11.42 17.51
CB MSE D 16 -5.23 -9.09 18.01
CG MSE D 16 -4.13 -8.55 18.85
SE MSE D 16 -4.02 -6.60 18.67
CE MSE D 16 -2.36 -6.33 19.67
N VAL D 17 -6.08 -11.05 15.73
CA VAL D 17 -7.09 -11.45 14.75
C VAL D 17 -7.32 -12.95 14.82
N LYS D 18 -6.23 -13.68 15.00
CA LYS D 18 -6.25 -15.15 15.14
C LYS D 18 -7.15 -15.55 16.32
N LEU D 19 -6.95 -14.88 17.45
CA LEU D 19 -7.80 -15.15 18.63
C LEU D 19 -9.26 -14.83 18.39
N ALA D 20 -9.54 -13.71 17.71
CA ALA D 20 -10.90 -13.33 17.37
C ALA D 20 -11.59 -14.42 16.53
N LEU D 21 -10.94 -14.88 15.46
CA LEU D 21 -11.50 -15.92 14.60
C LEU D 21 -11.71 -17.25 15.32
N LEU D 22 -10.77 -17.61 16.17
CA LEU D 22 -10.87 -18.85 17.00
C LEU D 22 -12.02 -18.74 18.00
N GLU D 23 -12.11 -17.60 18.68
CA GLU D 23 -13.15 -17.35 19.66
C GLU D 23 -14.55 -17.39 18.99
N LYS D 24 -14.64 -16.92 17.74
CA LYS D 24 -15.92 -16.89 17.04
C LYS D 24 -16.22 -18.20 16.31
N GLY D 25 -15.35 -19.19 16.50
CA GLY D 25 -15.50 -20.50 15.84
C GLY D 25 -15.43 -20.46 14.31
N LEU D 26 -14.67 -19.52 13.76
CA LEU D 26 -14.68 -19.30 12.31
C LEU D 26 -13.57 -20.07 11.62
N THR D 27 -13.85 -20.55 10.42
CA THR D 27 -12.87 -21.22 9.57
C THR D 27 -11.91 -20.23 8.91
N PHE D 28 -10.61 -20.52 9.02
CA PHE D 28 -9.63 -19.71 8.32
C PHE D 28 -8.35 -20.46 8.00
N GLU D 29 -7.70 -20.01 6.93
CA GLU D 29 -6.40 -20.54 6.55
C GLU D 29 -5.31 -19.53 6.92
N GLU D 30 -4.24 -20.01 7.57
CA GLU D 30 -3.08 -19.13 7.88
C GLU D 30 -2.09 -19.16 6.73
N VAL D 31 -1.53 -18.00 6.39
CA VAL D 31 -0.53 -17.87 5.34
C VAL D 31 0.66 -17.11 5.91
N THR D 32 1.83 -17.73 5.86
CA THR D 32 3.07 -17.07 6.35
C THR D 32 3.42 -15.87 5.48
N PHE D 33 3.46 -14.71 6.13
CA PHE D 33 3.65 -13.43 5.45
C PHE D 33 4.25 -12.46 6.45
N TYR D 34 5.38 -11.83 6.12
CA TYR D 34 6.05 -10.99 7.06
C TYR D 34 5.84 -9.51 6.77
N GLY D 35 5.10 -9.17 5.70
CA GLY D 35 4.92 -7.76 5.33
C GLY D 35 6.27 -7.11 4.97
N GLY D 36 6.50 -5.88 5.42
CA GLY D 36 7.75 -5.20 5.09
C GLY D 36 7.72 -4.46 3.77
N GLN D 37 8.89 -3.97 3.35
CA GLN D 37 9.01 -2.98 2.29
C GLN D 37 9.30 -3.50 0.87
N ALA D 38 9.38 -4.82 0.70
CA ALA D 38 9.42 -5.44 -0.65
C ALA D 38 8.22 -5.06 -1.53
N PRO D 39 8.47 -4.73 -2.81
CA PRO D 39 7.35 -4.32 -3.68
C PRO D 39 6.22 -5.38 -3.75
N GLN D 40 6.58 -6.67 -3.82
CA GLN D 40 5.57 -7.74 -3.77
C GLN D 40 4.72 -7.76 -2.46
N ALA D 41 5.38 -7.42 -1.35
CA ALA D 41 4.72 -7.40 -0.04
C ALA D 41 3.79 -6.17 0.04
N LEU D 42 4.27 -5.03 -0.47
CA LEU D 42 3.45 -3.81 -0.45
C LEU D 42 2.19 -3.92 -1.34
N GLU D 43 2.20 -4.85 -2.30
CA GLU D 43 0.97 -5.12 -3.07
C GLU D 43 -0.08 -5.80 -2.22
N VAL D 44 0.36 -6.51 -1.16
CA VAL D 44 -0.56 -7.18 -0.23
C VAL D 44 -0.96 -6.25 0.93
N SER D 45 0.04 -5.55 1.48
CA SER D 45 -0.18 -4.74 2.64
C SER D 45 0.49 -3.41 2.40
N PRO D 46 -0.32 -2.34 2.20
CA PRO D 46 0.20 -1.12 1.53
C PRO D 46 1.22 -0.28 2.33
N ARG D 47 1.29 -0.49 3.65
CA ARG D 47 2.37 0.12 4.46
C ARG D 47 3.35 -0.95 4.96
N GLY D 48 3.13 -2.20 4.54
CA GLY D 48 3.99 -3.30 4.95
C GLY D 48 3.67 -3.90 6.31
N LYS D 49 2.48 -3.59 6.84
CA LYS D 49 2.08 -4.09 8.14
C LYS D 49 1.45 -5.47 8.09
N VAL D 50 1.47 -6.11 9.26
CA VAL D 50 0.89 -7.41 9.47
C VAL D 50 -0.19 -7.23 10.56
N PRO D 51 -1.35 -7.91 10.44
CA PRO D 51 -1.70 -8.90 9.42
C PRO D 51 -2.54 -8.35 8.25
N VAL D 52 -2.89 -9.23 7.30
CA VAL D 52 -3.81 -8.86 6.25
C VAL D 52 -4.86 -9.98 6.14
N LEU D 53 -6.13 -9.59 6.06
CA LEU D 53 -7.24 -10.55 5.88
C LEU D 53 -7.59 -10.66 4.38
N GLU D 54 -7.54 -11.86 3.82
CA GLU D 54 -7.95 -12.00 2.42
C GLU D 54 -9.39 -12.45 2.35
N THR D 55 -10.21 -11.64 1.70
CA THR D 55 -11.61 -11.92 1.58
C THR D 55 -11.95 -12.14 0.09
N GLU D 56 -13.18 -12.54 -0.19
CA GLU D 56 -13.65 -12.66 -1.59
C GLU D 56 -13.61 -11.33 -2.33
N HIS D 57 -13.56 -10.23 -1.60
CA HIS D 57 -13.49 -8.90 -2.20
C HIS D 57 -12.09 -8.31 -2.32
N GLY D 58 -11.10 -9.00 -1.76
CA GLY D 58 -9.73 -8.50 -1.68
C GLY D 58 -9.14 -8.45 -0.27
N PHE D 59 -8.00 -7.77 -0.16
CA PHE D 59 -7.21 -7.71 1.07
C PHE D 59 -7.68 -6.54 1.93
N LEU D 60 -7.72 -6.76 3.25
CA LEU D 60 -7.85 -5.67 4.24
C LEU D 60 -6.70 -5.77 5.23
N SER D 61 -6.01 -4.65 5.46
CA SER D 61 -4.97 -4.58 6.45
C SER D 61 -5.45 -3.78 7.65
N GLU D 62 -4.61 -3.76 8.70
CA GLU D 62 -4.81 -3.10 10.00
C GLU D 62 -5.72 -3.91 10.93
N THR D 63 -5.15 -4.45 12.01
CA THR D 63 -5.95 -5.20 12.96
C THR D 63 -7.31 -4.57 13.34
N SER D 64 -7.31 -3.29 13.70
CA SER D 64 -8.56 -2.64 14.17
C SER D 64 -9.63 -2.69 13.09
N VAL D 65 -9.21 -2.48 11.84
CA VAL D 65 -10.11 -2.49 10.68
C VAL D 65 -10.64 -3.89 10.39
N ILE D 66 -9.70 -4.85 10.37
CA ILE D 66 -10.00 -6.28 10.16
C ILE D 66 -11.04 -6.75 11.22
N LEU D 67 -10.81 -6.38 12.46
CA LEU D 67 -11.67 -6.84 13.56
C LEU D 67 -13.09 -6.32 13.38
N ASP D 68 -13.22 -5.04 13.04
CA ASP D 68 -14.53 -4.46 12.75
C ASP D 68 -15.22 -5.15 11.58
N TYR D 69 -14.48 -5.47 10.54
CA TYR D 69 -15.04 -6.14 9.37
C TYR D 69 -15.56 -7.52 9.75
N ILE D 70 -14.78 -8.25 10.54
CA ILE D 70 -15.18 -9.59 11.00
C ILE D 70 -16.47 -9.51 11.82
N GLU D 71 -16.54 -8.52 12.71
CA GLU D 71 -17.72 -8.35 13.59
C GLU D 71 -18.97 -8.10 12.76
N GLN D 72 -18.82 -7.35 11.69
CA GLN D 72 -19.98 -7.00 10.86
C GLN D 72 -20.44 -8.13 9.93
N THR D 73 -19.49 -8.90 9.39
CA THR D 73 -19.77 -9.84 8.29
C THR D 73 -19.80 -11.31 8.68
N GLN D 74 -19.37 -11.65 9.89
CA GLN D 74 -19.17 -13.07 10.26
C GLN D 74 -20.07 -13.46 11.42
N GLY D 75 -20.31 -14.76 11.58
CA GLY D 75 -21.19 -15.24 12.65
C GLY D 75 -20.36 -15.55 13.88
N GLY D 76 -20.99 -16.21 14.85
CA GLY D 76 -20.29 -16.63 16.06
C GLY D 76 -20.50 -15.62 17.17
N LYS D 77 -19.90 -15.93 18.33
CA LYS D 77 -19.92 -15.08 19.52
C LYS D 77 -19.65 -13.59 19.20
N ALA D 78 -20.54 -12.72 19.68
CA ALA D 78 -20.32 -11.28 19.53
C ALA D 78 -19.18 -10.82 20.44
N LEU D 79 -18.30 -10.00 19.87
CA LEU D 79 -17.19 -9.38 20.60
C LEU D 79 -17.41 -7.87 20.77
N LEU D 80 -18.68 -7.45 20.67
CA LEU D 80 -19.10 -6.09 21.00
C LEU D 80 -20.44 -6.17 21.71
N PRO D 81 -20.76 -5.18 22.57
CA PRO D 81 -22.09 -5.04 23.16
C PRO D 81 -23.12 -4.64 22.11
N ALA D 82 -24.40 -4.64 22.51
CA ALA D 82 -25.47 -4.44 21.56
C ALA D 82 -25.73 -2.96 21.25
N ASP D 83 -25.38 -2.07 22.16
CA ASP D 83 -25.67 -0.62 22.04
C ASP D 83 -24.54 0.18 21.36
N PRO D 84 -24.92 1.15 20.53
CA PRO D 84 -23.90 1.81 19.73
C PRO D 84 -22.92 2.62 20.57
N PHE D 85 -23.36 3.21 21.67
CA PHE D 85 -22.42 3.94 22.48
C PHE D 85 -21.42 2.97 23.12
N GLY D 86 -21.89 1.84 23.63
CA GLY D 86 -20.98 0.84 24.20
C GLY D 86 -20.01 0.29 23.15
N GLN D 87 -20.47 0.13 21.90
CA GLN D 87 -19.58 -0.29 20.80
C GLN D 87 -18.48 0.74 20.54
N ALA D 88 -18.85 2.02 20.55
CA ALA D 88 -17.86 3.09 20.34
C ALA D 88 -16.88 3.13 21.54
N LYS D 89 -17.39 2.90 22.75
CA LYS D 89 -16.50 2.86 23.92
C LYS D 89 -15.45 1.73 23.85
N VAL D 90 -15.85 0.57 23.34
CA VAL D 90 -14.90 -0.51 23.12
C VAL D 90 -13.81 -0.03 22.14
N ARG D 91 -14.23 0.70 21.11
CA ARG D 91 -13.30 1.07 20.05
C ARG D 91 -12.37 2.16 20.53
N GLU D 92 -12.88 3.04 21.39
CA GLU D 92 -12.08 4.05 22.04
C GLU D 92 -11.02 3.38 22.89
N LEU D 93 -11.41 2.39 23.68
CA LEU D 93 -10.41 1.68 24.54
C LEU D 93 -9.38 0.94 23.69
N LEU D 94 -9.85 0.26 22.67
CA LEU D 94 -8.90 -0.43 21.75
C LEU D 94 -7.90 0.54 21.09
N LYS D 95 -8.41 1.66 20.62
CA LYS D 95 -7.60 2.68 20.00
C LYS D 95 -6.57 3.24 20.98
N GLU D 96 -6.99 3.46 22.22
CA GLU D 96 -6.08 4.01 23.23
C GLU D 96 -4.96 3.03 23.56
N ILE D 97 -5.31 1.75 23.64
CA ILE D 97 -4.29 0.75 23.88
C ILE D 97 -3.33 0.71 22.70
N GLU D 98 -3.85 0.70 21.47
CA GLU D 98 -2.97 0.62 20.29
C GLU D 98 -2.02 1.84 20.21
N LEU D 99 -2.58 3.06 20.24
CA LEU D 99 -1.73 4.25 20.05
C LEU D 99 -0.87 4.63 21.25
N TYR D 100 -1.31 4.38 22.48
CA TYR D 100 -0.60 4.91 23.62
C TYR D 100 0.09 3.84 24.44
N ILE D 101 -0.04 2.56 24.03
CA ILE D 101 0.67 1.49 24.72
C ILE D 101 1.41 0.63 23.72
N GLU D 102 0.71 0.03 22.76
CA GLU D 102 1.37 -0.86 21.81
C GLU D 102 2.44 -0.13 20.99
N LEU D 103 2.07 0.95 20.31
CA LEU D 103 3.01 1.64 19.47
C LEU D 103 4.28 2.18 20.18
N PRO D 104 4.14 2.82 21.36
CA PRO D 104 5.42 3.20 22.01
C PRO D 104 6.25 2.01 22.53
N ALA D 105 5.60 0.94 22.97
CA ALA D 105 6.34 -0.26 23.38
C ALA D 105 7.09 -0.80 22.16
N ARG D 106 6.43 -0.84 20.99
CA ARG D 106 6.98 -1.38 19.75
C ARG D 106 8.28 -0.69 19.37
N THR D 107 8.42 0.59 19.70
CA THR D 107 9.70 1.29 19.43
C THR D 107 10.89 0.66 20.14
N CYS D 108 10.62 -0.14 21.16
CA CYS D 108 11.69 -0.80 21.91
C CYS D 108 11.76 -2.30 21.69
N TYR D 109 10.92 -2.87 20.82
CA TYR D 109 10.92 -4.32 20.62
C TYR D 109 12.29 -4.88 20.20
N ALA D 110 12.98 -4.16 19.30
CA ALA D 110 14.30 -4.59 18.81
C ALA D 110 15.24 -4.89 19.96
N GLU D 111 15.19 -4.06 20.99
CA GLU D 111 15.97 -4.29 22.20
C GLU D 111 15.38 -5.35 23.11
N SER D 112 14.08 -5.28 23.37
CA SER D 112 13.52 -6.21 24.33
C SER D 112 13.51 -7.64 23.86
N PHE D 113 13.27 -7.88 22.57
CA PHE D 113 13.09 -9.25 22.12
C PHE D 113 14.20 -9.78 21.23
N PHE D 114 14.74 -8.92 20.40
CA PHE D 114 15.91 -9.24 19.59
C PHE D 114 17.15 -8.81 20.40
N GLY D 115 18.31 -8.75 19.77
CA GLY D 115 19.51 -8.41 20.54
C GLY D 115 19.87 -6.94 20.48
N MSE D 116 19.14 -6.17 19.67
CA MSE D 116 19.69 -4.90 19.19
C MSE D 116 19.24 -3.65 19.93
O MSE D 116 18.06 -3.36 20.10
CB MSE D 116 19.59 -4.75 17.66
CG MSE D 116 18.21 -5.00 17.04
SE MSE D 116 18.32 -6.02 15.36
CE MSE D 116 18.78 -7.78 16.09
N SER D 117 20.26 -2.91 20.34
CA SER D 117 20.16 -1.72 21.14
C SER D 117 19.38 -0.61 20.43
N VAL D 118 18.55 0.08 21.22
N VAL D 118 18.48 0.05 21.17
CA VAL D 118 17.74 1.20 20.77
CA VAL D 118 17.78 1.21 20.65
C VAL D 118 18.34 2.53 21.29
C VAL D 118 18.35 2.50 21.26
N GLU D 119 18.28 3.58 20.47
CA GLU D 119 18.72 4.93 20.86
C GLU D 119 18.10 5.37 22.21
N PRO D 120 18.90 5.96 23.14
CA PRO D 120 18.37 6.52 24.40
C PRO D 120 17.18 7.47 24.21
N LEU D 121 17.24 8.35 23.21
CA LEU D 121 16.13 9.29 23.01
C LEU D 121 14.83 8.50 22.78
N ILE D 122 14.94 7.37 22.09
CA ILE D 122 13.73 6.57 21.79
C ILE D 122 13.20 5.91 23.06
N LYS D 123 14.12 5.41 23.88
CA LYS D 123 13.75 4.76 25.15
C LYS D 123 13.12 5.79 26.08
N GLU D 124 13.72 6.96 26.16
CA GLU D 124 13.18 8.05 26.95
C GLU D 124 11.75 8.42 26.58
N LYS D 125 11.49 8.54 25.29
CA LYS D 125 10.19 8.90 24.79
C LYS D 125 9.21 7.75 25.03
N ALA D 126 9.66 6.51 24.79
CA ALA D 126 8.83 5.36 25.09
C ALA D 126 8.41 5.31 26.55
N ARG D 127 9.35 5.61 27.46
CA ARG D 127 8.98 5.61 28.89
C ARG D 127 7.85 6.63 29.21
N ALA D 128 8.04 7.87 28.76
CA ALA D 128 7.04 8.89 28.97
C ALA D 128 5.71 8.50 28.34
N ASP D 129 5.74 8.02 27.11
CA ASP D 129 4.50 7.63 26.41
C ASP D 129 3.81 6.47 27.11
N LEU D 130 4.58 5.48 27.57
CA LEU D 130 3.96 4.31 28.24
C LEU D 130 3.35 4.64 29.60
N LEU D 131 4.04 5.48 30.35
CA LEU D 131 3.45 5.98 31.61
C LEU D 131 2.10 6.65 31.36
N ALA D 132 2.02 7.50 30.33
CA ALA D 132 0.79 8.15 29.98
C ALA D 132 -0.26 7.18 29.46
N GLY D 133 0.16 6.25 28.61
CA GLY D 133 -0.75 5.23 28.09
C GLY D 133 -1.31 4.32 29.17
N PHE D 134 -0.47 3.92 30.12
CA PHE D 134 -0.95 3.09 31.22
C PHE D 134 -1.93 3.83 32.13
N ALA D 135 -1.62 5.11 32.38
CA ALA D 135 -2.51 5.96 33.16
C ALA D 135 -3.86 6.17 32.47
N THR D 136 -3.83 6.34 31.15
CA THR D 136 -5.07 6.43 30.34
C THR D 136 -5.90 5.19 30.43
N LEU D 137 -5.29 4.03 30.27
CA LEU D 137 -6.06 2.78 30.40
C LEU D 137 -6.66 2.63 31.82
N LYS D 138 -5.91 3.05 32.84
CA LYS D 138 -6.38 2.93 34.21
C LYS D 138 -7.62 3.82 34.44
N ARG D 139 -7.56 5.04 33.91
CA ARG D 139 -8.63 5.96 34.18
C ARG D 139 -9.87 5.64 33.33
N ASN D 140 -9.65 5.13 32.13
CA ASN D 140 -10.77 4.92 31.20
C ASN D 140 -11.32 3.50 31.18
N GLY D 141 -10.52 2.50 31.56
CA GLY D 141 -10.94 1.10 31.52
C GLY D 141 -11.92 0.79 32.66
N ARG D 142 -12.85 -0.14 32.44
N ARG D 142 -12.84 -0.15 32.42
CA ARG D 142 -13.76 -0.53 33.53
CA ARG D 142 -13.79 -0.56 33.45
C ARG D 142 -13.24 -1.76 34.28
C ARG D 142 -13.23 -1.74 34.26
N PHE D 143 -12.56 -2.67 33.57
CA PHE D 143 -12.00 -3.89 34.19
C PHE D 143 -13.00 -4.61 35.08
N ALA D 144 -14.08 -5.06 34.51
CA ALA D 144 -15.15 -5.61 35.33
C ALA D 144 -15.54 -7.06 35.00
N PRO D 145 -14.57 -7.94 34.70
CA PRO D 145 -13.11 -7.84 34.75
C PRO D 145 -12.47 -7.40 33.43
N TYR D 146 -13.23 -7.45 32.35
CA TYR D 146 -12.72 -7.15 30.98
C TYR D 146 -12.51 -5.66 30.79
N VAL D 147 -11.74 -5.26 29.77
CA VAL D 147 -11.36 -3.84 29.63
C VAL D 147 -12.56 -2.90 29.66
N ALA D 148 -13.61 -3.24 28.90
CA ALA D 148 -14.72 -2.34 28.72
C ALA D 148 -15.90 -2.62 29.66
N GLY D 149 -15.81 -3.65 30.47
CA GLY D 149 -16.99 -4.03 31.27
C GLY D 149 -16.98 -5.49 31.65
N GLU D 150 -18.14 -6.15 31.49
CA GLU D 150 -18.37 -7.48 32.08
C GLU D 150 -18.24 -8.61 31.09
N GLN D 151 -18.21 -8.27 29.79
CA GLN D 151 -18.05 -9.26 28.71
C GLN D 151 -16.74 -9.08 27.93
N LEU D 152 -16.17 -10.17 27.40
CA LEU D 152 -15.01 -10.09 26.48
C LEU D 152 -15.39 -9.27 25.23
N THR D 153 -14.54 -8.34 24.83
CA THR D 153 -14.76 -7.57 23.62
C THR D 153 -13.47 -7.45 22.85
N LEU D 154 -13.54 -6.84 21.66
CA LEU D 154 -12.36 -6.55 20.88
C LEU D 154 -11.26 -5.87 21.67
N ALA D 155 -11.64 -5.03 22.62
CA ALA D 155 -10.64 -4.27 23.38
C ALA D 155 -9.77 -5.19 24.22
N ASP D 156 -10.32 -6.34 24.60
CA ASP D 156 -9.52 -7.30 25.37
C ASP D 156 -8.48 -8.00 24.53
N LEU D 157 -8.74 -8.12 23.23
CA LEU D 157 -7.76 -8.71 22.30
C LEU D 157 -6.55 -7.79 22.15
N MSE D 158 -6.79 -6.48 21.96
CA MSE D 158 -5.72 -5.49 21.89
C MSE D 158 -4.95 -5.43 23.23
O MSE D 158 -3.73 -5.37 23.24
CB MSE D 158 -6.29 -4.12 21.41
CG MSE D 158 -5.32 -2.97 21.34
SE MSE D 158 -3.97 -3.17 19.95
CE MSE D 158 -5.08 -3.03 18.28
N PHE D 159 -5.69 -5.46 24.35
CA PHE D 159 -5.10 -5.52 25.69
C PHE D 159 -4.19 -6.72 25.87
N CYS D 160 -4.68 -7.91 25.61
CA CYS D 160 -3.91 -9.08 26.08
C CYS D 160 -2.66 -9.36 25.26
N PHE D 161 -2.65 -8.88 24.01
CA PHE D 161 -1.47 -8.99 23.18
C PHE D 161 -0.64 -7.74 23.08
N SER D 162 -1.06 -6.66 23.75
CA SER D 162 -0.23 -5.45 23.83
C SER D 162 0.37 -5.27 25.22
N VAL D 163 -0.43 -5.45 26.26
CA VAL D 163 0.05 -5.18 27.60
C VAL D 163 1.13 -6.20 28.06
N ASP D 164 1.01 -7.44 27.61
CA ASP D 164 2.07 -8.43 27.90
C ASP D 164 3.42 -7.94 27.36
N LEU D 165 3.46 -7.53 26.10
CA LEU D 165 4.73 -7.10 25.52
C LEU D 165 5.23 -5.79 26.10
N ALA D 166 4.29 -4.90 26.46
CA ALA D 166 4.66 -3.59 26.96
C ALA D 166 5.26 -3.76 28.35
N ASN D 167 4.69 -4.67 29.16
CA ASN D 167 5.29 -4.89 30.48
C ASN D 167 6.68 -5.51 30.41
N ALA D 168 6.89 -6.38 29.42
CA ALA D 168 8.24 -6.95 29.12
C ALA D 168 9.24 -5.86 28.76
N VAL D 169 8.81 -4.94 27.89
CA VAL D 169 9.64 -3.80 27.52
C VAL D 169 9.94 -2.94 28.75
N GLY D 170 8.93 -2.71 29.58
CA GLY D 170 9.13 -1.98 30.82
C GLY D 170 10.21 -2.59 31.70
N LYS D 171 10.09 -3.89 31.96
CA LYS D 171 11.02 -4.57 32.86
C LYS D 171 12.40 -4.74 32.26
N LYS D 172 12.47 -5.15 30.99
CA LYS D 172 13.76 -5.48 30.39
C LYS D 172 14.56 -4.24 30.02
N VAL D 173 13.85 -3.22 29.51
CA VAL D 173 14.48 -2.11 28.79
C VAL D 173 14.40 -0.81 29.57
N LEU D 174 13.31 -0.63 30.30
CA LEU D 174 13.04 0.68 30.92
C LEU D 174 13.13 0.70 32.46
N ASN D 175 13.46 -0.45 33.05
CA ASN D 175 13.45 -0.64 34.52
C ASN D 175 12.18 -0.15 35.23
N ILE D 176 11.02 -0.47 34.65
CA ILE D 176 9.72 -0.17 35.27
C ILE D 176 8.82 -1.38 35.13
N ASP D 177 8.11 -1.74 36.19
CA ASP D 177 7.05 -2.76 36.10
C ASP D 177 5.71 -2.03 36.06
N PHE D 178 5.15 -1.82 34.87
CA PHE D 178 3.90 -1.06 34.70
C PHE D 178 2.73 -1.74 35.42
N LEU D 179 2.82 -3.05 35.60
CA LEU D 179 1.68 -3.79 36.16
C LEU D 179 1.71 -3.90 37.70
N ALA D 180 2.86 -3.56 38.27
CA ALA D 180 3.08 -3.59 39.72
C ALA D 180 2.03 -2.81 40.52
N ASP D 181 1.57 -1.67 39.97
CA ASP D 181 0.56 -0.87 40.63
C ASP D 181 -0.78 -0.78 39.85
N PHE D 182 -1.06 -1.79 39.04
CA PHE D 182 -2.23 -1.81 38.18
C PHE D 182 -2.90 -3.18 38.34
N PRO D 183 -3.44 -3.46 39.54
CA PRO D 183 -3.94 -4.78 39.83
C PRO D 183 -5.13 -5.23 38.93
N GLN D 184 -5.98 -4.30 38.48
CA GLN D 184 -7.06 -4.58 37.49
C GLN D 184 -6.45 -5.20 36.24
N ALA D 185 -5.37 -4.61 35.73
CA ALA D 185 -4.78 -5.08 34.50
C ALA D 185 -4.04 -6.41 34.72
N LYS D 186 -3.41 -6.53 35.89
CA LYS D 186 -2.70 -7.76 36.20
C LYS D 186 -3.66 -8.96 36.20
N ALA D 187 -4.80 -8.79 36.86
CA ALA D 187 -5.81 -9.82 36.94
C ALA D 187 -6.41 -10.20 35.59
N LEU D 188 -6.72 -9.20 34.79
CA LEU D 188 -7.28 -9.45 33.47
C LEU D 188 -6.27 -10.23 32.60
N LEU D 189 -4.99 -9.87 32.68
CA LEU D 189 -4.00 -10.53 31.86
C LEU D 189 -3.92 -12.02 32.20
N GLN D 190 -3.99 -12.37 33.49
CA GLN D 190 -4.02 -13.78 33.89
C GLN D 190 -5.27 -14.48 33.34
N LEU D 191 -6.40 -13.78 33.41
CA LEU D 191 -7.66 -14.34 32.97
C LEU D 191 -7.62 -14.63 31.46
N MSE D 192 -7.10 -13.68 30.70
CA MSE D 192 -7.03 -13.87 29.25
C MSE D 192 -6.06 -15.02 28.92
O MSE D 192 -6.30 -15.79 27.99
CB MSE D 192 -6.60 -12.57 28.56
CG MSE D 192 -7.60 -11.41 28.66
SE MSE D 192 -9.28 -11.81 27.80
CE MSE D 192 -8.65 -12.00 25.96
N GLY D 193 -5.00 -15.16 29.74
CA GLY D 193 -4.04 -16.26 29.62
C GLY D 193 -4.65 -17.65 29.73
N GLU D 194 -5.82 -17.74 30.35
CA GLU D 194 -6.53 -19.00 30.56
C GLU D 194 -7.54 -19.29 29.44
N ASN D 195 -7.59 -18.43 28.43
CA ASN D 195 -8.52 -18.66 27.33
C ASN D 195 -8.17 -20.00 26.65
N PRO D 196 -9.18 -20.83 26.31
CA PRO D 196 -8.86 -22.18 25.79
C PRO D 196 -8.08 -22.18 24.49
N HIS D 197 -8.05 -21.05 23.78
CA HIS D 197 -7.27 -20.94 22.55
C HIS D 197 -5.82 -20.47 22.72
N MSE D 198 -5.46 -20.02 23.92
CA MSE D 198 -4.12 -19.51 24.17
C MSE D 198 -3.02 -20.55 23.96
O MSE D 198 -2.00 -20.24 23.36
CB MSE D 198 -4.02 -18.88 25.55
CG MSE D 198 -2.94 -17.88 25.70
SE MSE D 198 -3.04 -16.38 24.36
CE MSE D 198 -4.73 -15.63 24.74
N PRO D 199 -3.24 -21.79 24.44
CA PRO D 199 -2.15 -22.75 24.23
C PRO D 199 -1.74 -22.92 22.76
N ARG D 200 -2.71 -23.03 21.87
CA ARG D 200 -2.46 -23.09 20.42
C ARG D 200 -1.73 -21.84 19.92
N ILE D 201 -2.23 -20.66 20.30
CA ILE D 201 -1.55 -19.41 19.92
C ILE D 201 -0.10 -19.35 20.34
N LEU D 202 0.17 -19.73 21.58
CA LEU D 202 1.53 -19.65 22.09
C LEU D 202 2.41 -20.75 21.48
N ALA D 203 1.86 -21.93 21.25
CA ALA D 203 2.64 -23.04 20.63
C ALA D 203 2.99 -22.70 19.19
N ASP D 204 2.03 -22.11 18.46
CA ASP D 204 2.32 -21.63 17.10
C ASP D 204 3.39 -20.54 17.12
N LYS D 205 3.27 -19.59 18.06
CA LYS D 205 4.34 -18.59 18.22
C LYS D 205 5.73 -19.21 18.43
N GLU D 206 5.82 -20.14 19.38
CA GLU D 206 7.05 -20.92 19.67
C GLU D 206 7.65 -21.51 18.40
N ALA D 207 6.79 -22.20 17.66
CA ALA D 207 7.15 -22.92 16.42
C ALA D 207 7.65 -22.00 15.31
N SER D 208 7.16 -20.76 15.30
N SER D 208 7.17 -20.76 15.32
CA SER D 208 7.43 -19.83 14.20
CA SER D 208 7.39 -19.81 14.23
C SER D 208 8.60 -18.88 14.48
C SER D 208 8.58 -18.87 14.48
N MSE D 209 9.07 -18.84 15.72
CA MSE D 209 10.14 -17.92 16.13
C MSE D 209 11.45 -18.10 15.36
O MSE D 209 12.00 -17.10 14.94
CB MSE D 209 10.40 -18.02 17.64
CG MSE D 209 11.46 -17.05 18.18
SE MSE D 209 10.85 -15.16 18.09
CE MSE D 209 9.39 -15.36 19.39
N PRO D 210 11.94 -19.37 15.18
CA PRO D 210 13.24 -19.47 14.50
C PRO D 210 13.21 -18.91 13.09
N ALA D 211 12.12 -19.14 12.35
CA ALA D 211 12.05 -18.61 11.01
C ALA D 211 11.91 -17.09 11.01
N PHE D 212 11.11 -16.56 11.93
CA PHE D 212 11.00 -15.12 12.06
C PHE D 212 12.39 -14.48 12.32
N MSE D 213 13.14 -15.04 13.27
CA MSE D 213 14.48 -14.52 13.61
C MSE D 213 15.44 -14.61 12.44
O MSE D 213 16.29 -13.74 12.26
CB MSE D 213 15.08 -15.25 14.82
CG MSE D 213 14.38 -15.01 16.15
SE MSE D 213 14.26 -13.09 16.62
CE MSE D 213 16.16 -12.82 17.12
N GLU D 214 15.32 -15.68 11.67
CA GLU D 214 16.17 -15.91 10.51
C GLU D 214 15.90 -14.85 9.46
N MSE D 215 14.63 -14.51 9.26
CA MSE D 215 14.22 -13.46 8.33
C MSE D 215 14.78 -12.10 8.78
O MSE D 215 15.24 -11.30 7.97
CB MSE D 215 12.69 -13.44 8.21
CG MSE D 215 12.11 -12.48 7.20
SE MSE D 215 12.01 -10.65 7.92
CE MSE D 215 10.60 -10.87 9.27
N ILE D 216 14.76 -11.86 10.09
CA ILE D 216 15.35 -10.65 10.68
C ILE D 216 16.85 -10.50 10.39
N ARG D 217 17.59 -11.60 10.31
CA ARG D 217 19.02 -11.56 9.92
C ARG D 217 19.21 -11.31 8.42
N SER D 218 18.49 -12.06 7.58
CA SER D 218 18.53 -11.87 6.12
C SER D 218 17.91 -10.55 5.69
#